data_6PUY
#
_entry.id   6PUY
#
_cell.length_a   1.00
_cell.length_b   1.00
_cell.length_c   1.00
_cell.angle_alpha   90.00
_cell.angle_beta   90.00
_cell.angle_gamma   90.00
#
_symmetry.space_group_name_H-M   'P 1'
#
loop_
_entity.id
_entity.type
_entity.pdbx_description
1 polymer 'Chimeric Sso7d and HIV-1 integrase'
2 polymer 'viral DNA non-transferred strand'
3 polymer 'viral DNA transferred strand'
4 non-polymer 'MAGNESIUM ION'
5 non-polymer 'ZINC ION'
6 non-polymer 4-amino-N-[(2,4-difluorophenyl)methyl]-1-hydroxy-6-(6-hydroxyhexyl)-2-oxo-1,2-dihydro-1,8-naphthyridine-3-carboxamide
7 water water
#
loop_
_entity_poly.entity_id
_entity_poly.type
_entity_poly.pdbx_seq_one_letter_code
_entity_poly.pdbx_strand_id
1 'polypeptide(L)'
;MGSSHHHHHHSSGLVPRGSHMATVKFKYKGEEKEVDISKIKKVWRVGKMISFTYDEGGGKTGRGAVSEKDAPKELLQMLE
KQKKGGGGGGGGGGGFLDGIDKAQEEHEKYHSNWRAMASDFNLPPVVAKEIVASCDKCQLKGEAMHGQVDCSPGIWQLDC
THLEGKVILVAVHVASGYIEAEVIPAETGQETAYFLLKLAGRWPVKTVHTDNGSNFTSTTVKAACWWAGIKQEFGIPYNP
QSQGVIESMNKELKKIIGQVRDQAEHLKTAVQMAVFIHNFKRKGGIGGYSAGERIVDIIATDIQTKELQKQITKIQNFRV
YYRDSRDPVWKGPAKLLWKGEGAVVIQDNSDIKVVPRRKAKIIRDYGKQMAGDDCVASRQDED
;
A,B,C,D
2 'polydeoxyribonucleotide'
;(DA)(DC)(DT)(DG)(DC)(DT)(DA)(DG)(DA)(DG)(DA)(DT)(DT)(DT)(DT)(DC)(DC)(DC)(DG)(DC)
(DC)(DC)(DA)(DC)(DG)(DC)(DT)
;
E
3 'polydeoxyribonucleotide'
;(DA)(DG)(DC)(DG)(DT)(DG)(DG)(DG)(DC)(DG)(DG)(DG)(DA)(DA)(DA)(DA)(DT)(DC)(DT)(DC)
(DT)(DA)(DG)(DC)(DA)
;
F
#
loop_
_chem_comp.id
_chem_comp.type
_chem_comp.name
_chem_comp.formula
DA DNA linking 2'-DEOXYADENOSINE-5'-MONOPHOSPHATE 'C10 H14 N5 O6 P'
DC DNA linking 2'-DEOXYCYTIDINE-5'-MONOPHOSPHATE 'C9 H14 N3 O7 P'
DG DNA linking 2'-DEOXYGUANOSINE-5'-MONOPHOSPHATE 'C10 H14 N5 O7 P'
DT DNA linking THYMIDINE-5'-MONOPHOSPHATE 'C10 H15 N2 O8 P'
MG non-polymer 'MAGNESIUM ION' 'Mg 2'
OZ1 non-polymer 4-amino-N-[(2,4-difluorophenyl)methyl]-1-hydroxy-6-(6-hydroxyhexyl)-2-oxo-1,2-dihydro-1,8-naphthyridine-3-carboxamide 'C22 H24 F2 N4 O4'
ZN non-polymer 'ZINC ION' 'Zn 2'
#
# COMPACT_ATOMS: atom_id res chain seq x y z
N PHE A 96 -38.65 2.68 46.71
CA PHE A 96 -38.29 2.22 45.38
C PHE A 96 -39.16 2.84 44.30
N LEU A 97 -40.41 2.38 44.18
CA LEU A 97 -41.28 2.83 43.11
C LEU A 97 -41.70 4.29 43.30
N ASP A 98 -41.92 4.70 44.54
CA ASP A 98 -42.09 6.11 44.87
C ASP A 98 -40.86 6.91 44.50
N GLY A 99 -39.68 6.31 44.70
CA GLY A 99 -38.45 6.93 44.25
C GLY A 99 -38.36 7.04 42.75
N ILE A 100 -38.93 6.07 42.02
CA ILE A 100 -38.94 6.14 40.56
C ILE A 100 -39.79 7.31 40.10
N ASP A 101 -40.96 7.50 40.72
CA ASP A 101 -41.83 8.60 40.34
C ASP A 101 -41.19 9.96 40.66
N LYS A 102 -40.64 10.10 41.88
CA LYS A 102 -40.03 11.36 42.26
C LYS A 102 -38.75 11.64 41.49
N ALA A 103 -38.01 10.60 41.10
CA ALA A 103 -36.79 10.78 40.35
C ALA A 103 -37.08 11.17 38.90
N GLN A 104 -38.13 10.61 38.32
CA GLN A 104 -38.54 11.06 36.99
C GLN A 104 -38.99 12.52 37.02
N GLU A 105 -39.74 12.88 38.06
CA GLU A 105 -40.25 14.25 38.12
C GLU A 105 -39.15 15.25 38.43
N GLU A 106 -38.07 14.85 39.08
CA GLU A 106 -36.94 15.76 39.21
C GLU A 106 -35.97 15.71 38.04
N HIS A 107 -35.92 14.60 37.29
CA HIS A 107 -35.11 14.58 36.09
C HIS A 107 -35.73 15.46 35.01
N GLU A 108 -37.05 15.61 35.01
CA GLU A 108 -37.67 16.54 34.07
C GLU A 108 -37.34 18.00 34.37
N LYS A 109 -36.87 18.31 35.58
CA LYS A 109 -36.43 19.64 35.94
C LYS A 109 -34.92 19.81 35.76
N TYR A 110 -34.16 19.00 36.47
CA TYR A 110 -32.73 19.23 36.63
C TYR A 110 -31.87 18.44 35.65
N HIS A 111 -32.42 17.39 35.05
CA HIS A 111 -31.71 16.46 34.19
C HIS A 111 -30.51 15.87 34.90
N SER A 112 -30.79 15.19 36.01
CA SER A 112 -29.77 14.56 36.82
C SER A 112 -29.12 13.43 36.05
N ASN A 113 -27.89 13.08 36.39
CA ASN A 113 -27.35 11.89 35.78
C ASN A 113 -27.86 10.68 36.57
N TRP A 114 -27.40 9.49 36.19
CA TRP A 114 -27.90 8.30 36.87
C TRP A 114 -27.35 8.20 38.29
N ARG A 115 -26.16 8.74 38.53
CA ARG A 115 -25.54 8.62 39.85
C ARG A 115 -26.26 9.50 40.87
N ALA A 116 -26.71 10.69 40.44
CA ALA A 116 -27.42 11.59 41.34
C ALA A 116 -28.78 11.06 41.70
N MET A 117 -29.50 10.49 40.73
CA MET A 117 -30.81 9.93 41.01
C MET A 117 -30.70 8.60 41.74
N ALA A 118 -29.61 7.87 41.54
CA ALA A 118 -29.41 6.63 42.28
C ALA A 118 -29.06 6.92 43.73
N SER A 119 -28.35 8.00 43.99
CA SER A 119 -28.04 8.36 45.37
C SER A 119 -29.21 9.02 46.07
N ASP A 120 -29.92 9.92 45.41
CA ASP A 120 -30.90 10.75 46.06
C ASP A 120 -32.25 10.07 46.26
N PHE A 121 -32.55 9.01 45.51
CA PHE A 121 -33.88 8.42 45.55
C PHE A 121 -33.83 6.92 45.77
N ASN A 122 -32.69 6.40 46.22
CA ASN A 122 -32.48 5.00 46.59
C ASN A 122 -32.76 4.07 45.39
N LEU A 123 -32.35 4.49 44.26
CA LEU A 123 -32.58 3.62 43.12
C LEU A 123 -31.34 2.78 42.83
N PRO A 124 -31.52 1.56 42.33
CA PRO A 124 -30.39 0.82 41.79
C PRO A 124 -29.90 1.46 40.52
N PRO A 125 -28.66 1.16 40.10
CA PRO A 125 -28.14 1.78 38.86
C PRO A 125 -28.92 1.45 37.60
N VAL A 126 -29.61 0.30 37.55
CA VAL A 126 -30.38 -0.05 36.37
C VAL A 126 -31.57 0.89 36.19
N VAL A 127 -32.26 1.19 37.29
CA VAL A 127 -33.45 2.04 37.21
C VAL A 127 -33.08 3.49 36.93
N ALA A 128 -32.04 4.00 37.60
CA ALA A 128 -31.62 5.37 37.36
C ALA A 128 -31.04 5.55 35.96
N LYS A 129 -30.32 4.53 35.48
CA LYS A 129 -29.84 4.53 34.10
C LYS A 129 -30.99 4.50 33.11
N GLU A 130 -32.09 3.82 33.44
CA GLU A 130 -33.24 3.82 32.56
C GLU A 130 -33.99 5.15 32.59
N ILE A 131 -33.94 5.86 33.71
CA ILE A 131 -34.55 7.19 33.75
C ILE A 131 -33.75 8.16 32.91
N VAL A 132 -32.42 8.06 32.93
CA VAL A 132 -31.62 8.92 32.06
C VAL A 132 -31.79 8.53 30.60
N ALA A 133 -31.81 7.23 30.30
CA ALA A 133 -31.82 6.75 28.92
C ALA A 133 -33.14 6.96 28.21
N SER A 134 -34.18 7.38 28.91
CA SER A 134 -35.46 7.69 28.29
C SER A 134 -35.64 9.17 28.01
N CYS A 135 -34.81 10.02 28.58
CA CYS A 135 -34.87 11.44 28.29
C CYS A 135 -34.22 11.70 26.94
N ASP A 136 -34.96 12.35 26.04
CA ASP A 136 -34.40 12.70 24.74
C ASP A 136 -33.37 13.80 24.86
N LYS A 137 -33.50 14.66 25.87
CA LYS A 137 -32.60 15.79 26.04
C LYS A 137 -31.26 15.40 26.62
N CYS A 138 -31.05 14.15 27.01
CA CYS A 138 -29.84 13.75 27.70
C CYS A 138 -28.92 12.91 26.84
N GLN A 139 -29.28 12.64 25.59
CA GLN A 139 -28.47 11.82 24.69
C GLN A 139 -27.62 12.76 23.84
N LEU A 140 -26.50 13.18 24.42
CA LEU A 140 -25.67 14.23 23.84
C LEU A 140 -24.23 13.78 23.65
N LYS A 141 -23.96 12.49 23.73
CA LYS A 141 -22.61 11.98 23.60
C LYS A 141 -22.65 10.67 22.84
N GLY A 142 -21.72 10.48 21.92
CA GLY A 142 -21.64 9.28 21.12
C GLY A 142 -20.63 8.29 21.68
N GLU A 143 -20.40 7.24 20.92
CA GLU A 143 -19.52 6.16 21.33
C GLU A 143 -18.06 6.60 21.28
N ALA A 144 -17.31 6.26 22.33
CA ALA A 144 -15.90 6.63 22.42
C ALA A 144 -15.08 5.57 21.72
N MET A 145 -15.14 5.61 20.40
CA MET A 145 -14.44 4.70 19.52
C MET A 145 -13.92 5.50 18.35
N HIS A 146 -13.18 4.84 17.48
CA HIS A 146 -12.93 5.33 16.13
C HIS A 146 -13.11 4.15 15.20
N GLY A 147 -13.45 4.42 13.96
CA GLY A 147 -13.47 3.41 12.94
C GLY A 147 -12.08 3.11 12.41
N GLN A 148 -12.05 2.39 11.30
CA GLN A 148 -10.80 1.97 10.68
C GLN A 148 -10.96 2.02 9.18
N VAL A 149 -10.17 2.84 8.50
CA VAL A 149 -10.35 3.05 7.07
C VAL A 149 -9.95 1.78 6.30
N ASP A 150 -10.48 1.69 5.08
CA ASP A 150 -10.13 0.63 4.15
C ASP A 150 -8.68 0.78 3.71
N CYS A 151 -7.89 -0.27 3.85
CA CYS A 151 -6.50 -0.22 3.38
C CYS A 151 -6.20 -1.39 2.47
N SER A 152 -7.10 -1.66 1.52
CA SER A 152 -6.85 -2.62 0.47
C SER A 152 -5.73 -2.10 -0.44
N PRO A 153 -5.09 -2.97 -1.23
CA PRO A 153 -3.98 -2.49 -2.07
C PRO A 153 -4.41 -1.65 -3.26
N GLY A 154 -5.70 -1.49 -3.50
CA GLY A 154 -6.10 -0.76 -4.68
C GLY A 154 -6.76 0.57 -4.39
N ILE A 155 -6.95 0.91 -3.12
CA ILE A 155 -7.68 2.11 -2.75
C ILE A 155 -6.69 3.24 -2.49
N TRP A 156 -6.97 4.38 -3.11
CA TRP A 156 -6.25 5.62 -2.91
C TRP A 156 -7.20 6.60 -2.24
N GLN A 157 -6.66 7.60 -1.58
CA GLN A 157 -7.44 8.63 -0.92
C GLN A 157 -6.99 9.98 -1.45
N LEU A 158 -7.93 10.78 -1.93
CA LEU A 158 -7.61 12.05 -2.57
C LEU A 158 -8.21 13.21 -1.79
N ASP A 159 -7.48 14.32 -1.76
CA ASP A 159 -7.96 15.52 -1.09
C ASP A 159 -7.26 16.72 -1.69
N CYS A 160 -7.95 17.85 -1.70
CA CYS A 160 -7.37 19.13 -2.07
C CYS A 160 -6.97 19.87 -0.81
N THR A 161 -5.72 20.31 -0.76
CA THR A 161 -5.24 21.18 0.30
C THR A 161 -4.83 22.52 -0.30
N HIS A 162 -4.64 23.50 0.56
CA HIS A 162 -4.33 24.85 0.11
C HIS A 162 -3.05 25.33 0.76
N LEU A 163 -2.18 25.91 -0.06
CA LEU A 163 -0.93 26.47 0.45
C LEU A 163 -0.56 27.65 -0.42
N GLU A 164 -0.27 28.79 0.22
CA GLU A 164 0.20 30.01 -0.42
C GLU A 164 -0.77 30.52 -1.48
N GLY A 165 -2.07 30.38 -1.20
CA GLY A 165 -3.08 30.78 -2.15
C GLY A 165 -3.25 29.88 -3.34
N LYS A 166 -2.57 28.74 -3.38
CA LYS A 166 -2.67 27.80 -4.48
C LYS A 166 -3.23 26.49 -3.97
N VAL A 167 -3.74 25.69 -4.89
CA VAL A 167 -4.44 24.45 -4.59
C VAL A 167 -3.54 23.29 -4.96
N ILE A 168 -3.30 22.40 -4.00
CA ILE A 168 -2.50 21.21 -4.21
C ILE A 168 -3.44 20.02 -4.08
N LEU A 169 -3.59 19.27 -5.17
CA LEU A 169 -4.37 18.05 -5.15
C LEU A 169 -3.44 16.88 -4.83
N VAL A 170 -3.73 16.17 -3.75
CA VAL A 170 -2.86 15.14 -3.20
C VAL A 170 -3.62 13.83 -3.18
N ALA A 171 -2.96 12.76 -3.59
CA ALA A 171 -3.46 11.40 -3.47
C ALA A 171 -2.48 10.58 -2.65
N VAL A 172 -3.00 9.63 -1.89
CA VAL A 172 -2.17 8.72 -1.12
C VAL A 172 -2.62 7.30 -1.41
N HIS A 173 -1.65 6.39 -1.50
CA HIS A 173 -1.94 4.97 -1.48
C HIS A 173 -2.05 4.55 -0.03
N VAL A 174 -3.24 4.11 0.37
CA VAL A 174 -3.56 3.94 1.79
C VAL A 174 -2.75 2.79 2.39
N ALA A 175 -2.47 1.77 1.60
CA ALA A 175 -1.74 0.62 2.13
C ALA A 175 -0.26 0.89 2.28
N SER A 176 0.28 1.91 1.64
CA SER A 176 1.72 2.11 1.65
C SER A 176 2.14 3.50 2.08
N GLY A 177 1.29 4.49 1.88
CA GLY A 177 1.64 5.85 2.18
C GLY A 177 2.30 6.58 1.05
N TYR A 178 2.34 5.98 -0.14
CA TYR A 178 2.91 6.60 -1.31
C TYR A 178 1.98 7.72 -1.77
N ILE A 179 2.53 8.91 -1.96
CA ILE A 179 1.71 10.06 -2.32
C ILE A 179 2.06 10.51 -3.73
N GLU A 180 1.08 11.12 -4.37
CA GLU A 180 1.27 11.95 -5.55
C GLU A 180 0.64 13.29 -5.25
N ALA A 181 1.21 14.35 -5.77
CA ALA A 181 0.65 15.66 -5.49
C ALA A 181 0.97 16.59 -6.65
N GLU A 182 0.03 17.47 -6.95
CA GLU A 182 0.24 18.43 -8.02
C GLU A 182 -0.44 19.74 -7.67
N VAL A 183 0.26 20.85 -7.89
CA VAL A 183 -0.39 22.16 -7.81
C VAL A 183 -1.26 22.31 -9.05
N ILE A 184 -2.57 22.41 -8.85
CA ILE A 184 -3.53 22.54 -9.94
C ILE A 184 -3.95 24.00 -10.01
N PRO A 185 -4.31 24.52 -11.19
CA PRO A 185 -4.65 25.95 -11.27
C PRO A 185 -5.98 26.30 -10.64
N ALA A 186 -6.88 25.34 -10.46
CA ALA A 186 -8.18 25.61 -9.87
C ALA A 186 -8.70 24.32 -9.24
N GLU A 187 -9.62 24.48 -8.30
CA GLU A 187 -10.20 23.33 -7.60
C GLU A 187 -11.51 22.92 -8.27
N THR A 188 -11.38 22.49 -9.52
CA THR A 188 -12.53 22.15 -10.34
C THR A 188 -12.54 20.66 -10.63
N GLY A 189 -13.61 20.21 -11.30
CA GLY A 189 -13.74 18.82 -11.65
C GLY A 189 -12.90 18.42 -12.84
N GLN A 190 -12.57 19.37 -13.71
CA GLN A 190 -11.74 19.06 -14.87
C GLN A 190 -10.30 18.79 -14.45
N GLU A 191 -9.75 19.60 -13.56
CA GLU A 191 -8.40 19.38 -13.06
C GLU A 191 -8.33 18.11 -12.22
N THR A 192 -9.38 17.83 -11.46
CA THR A 192 -9.41 16.62 -10.64
C THR A 192 -9.52 15.38 -11.50
N ALA A 193 -10.33 15.42 -12.54
CA ALA A 193 -10.46 14.27 -13.43
C ALA A 193 -9.20 14.06 -14.24
N TYR A 194 -8.50 15.13 -14.60
CA TYR A 194 -7.22 14.99 -15.28
C TYR A 194 -6.17 14.37 -14.37
N PHE A 195 -6.08 14.84 -13.12
CA PHE A 195 -5.17 14.29 -12.14
C PHE A 195 -5.48 12.83 -11.86
N LEU A 196 -6.75 12.46 -11.82
CA LEU A 196 -7.13 11.11 -11.49
C LEU A 196 -6.92 10.15 -12.64
N LEU A 197 -7.19 10.59 -13.87
CA LEU A 197 -6.90 9.77 -15.05
C LEU A 197 -5.41 9.58 -15.22
N LYS A 198 -4.62 10.61 -14.91
CA LYS A 198 -3.16 10.50 -14.95
C LYS A 198 -2.64 9.53 -13.90
N LEU A 199 -3.16 9.62 -12.67
CA LEU A 199 -2.75 8.71 -11.61
C LEU A 199 -3.19 7.27 -11.89
N ALA A 200 -4.38 7.09 -12.44
CA ALA A 200 -4.84 5.76 -12.81
C ALA A 200 -4.03 5.18 -13.94
N GLY A 201 -3.51 6.02 -14.84
CA GLY A 201 -2.57 5.53 -15.83
C GLY A 201 -1.23 5.17 -15.25
N ARG A 202 -0.85 5.78 -14.13
CA ARG A 202 0.47 5.49 -13.56
C ARG A 202 0.48 4.23 -12.71
N TRP A 203 -0.51 4.05 -11.85
CA TRP A 203 -0.55 2.99 -10.86
C TRP A 203 -1.86 2.23 -10.98
N PRO A 204 -1.94 1.01 -10.46
CA PRO A 204 -3.23 0.30 -10.51
C PRO A 204 -4.24 0.81 -9.48
N VAL A 205 -5.00 1.82 -9.85
CA VAL A 205 -6.01 2.41 -8.98
C VAL A 205 -7.31 1.66 -9.17
N LYS A 206 -7.82 1.07 -8.08
CA LYS A 206 -9.07 0.32 -8.10
C LYS A 206 -10.22 1.01 -7.40
N THR A 207 -9.92 1.85 -6.41
CA THR A 207 -10.92 2.54 -5.62
C THR A 207 -10.34 3.90 -5.24
N VAL A 208 -11.16 4.94 -5.32
CA VAL A 208 -10.78 6.27 -4.89
C VAL A 208 -11.72 6.71 -3.79
N HIS A 209 -11.16 7.10 -2.65
CA HIS A 209 -11.93 7.57 -1.51
C HIS A 209 -11.64 9.05 -1.35
N THR A 210 -12.69 9.85 -1.40
CA THR A 210 -12.59 11.30 -1.28
C THR A 210 -13.63 11.80 -0.29
N ASP A 211 -13.52 13.07 0.08
CA ASP A 211 -14.59 13.73 0.79
C ASP A 211 -15.63 14.22 -0.22
N ASN A 212 -16.60 14.98 0.20
CA ASN A 212 -17.71 15.44 -0.63
C ASN A 212 -17.47 16.84 -1.17
N GLY A 213 -16.21 17.14 -1.46
CA GLY A 213 -15.84 18.37 -2.20
C GLY A 213 -16.44 18.36 -3.59
N SER A 214 -16.82 19.52 -4.10
CA SER A 214 -17.46 19.61 -5.44
C SER A 214 -16.50 19.05 -6.50
N ASN A 215 -15.19 19.28 -6.33
CA ASN A 215 -14.19 18.75 -7.27
C ASN A 215 -14.43 17.26 -7.48
N PHE A 216 -14.46 16.49 -6.40
CA PHE A 216 -14.60 15.01 -6.49
C PHE A 216 -16.05 14.59 -6.76
N THR A 217 -17.04 15.42 -6.42
CA THR A 217 -18.46 14.98 -6.56
C THR A 217 -19.00 15.21 -7.99
N SER A 218 -18.22 15.87 -8.84
CA SER A 218 -18.67 16.25 -10.17
C SER A 218 -18.90 15.14 -11.18
N THR A 219 -19.59 15.47 -12.28
CA THR A 219 -19.81 14.52 -13.34
C THR A 219 -18.54 14.26 -14.15
N THR A 220 -17.58 15.18 -14.11
CA THR A 220 -16.34 15.01 -14.86
C THR A 220 -15.46 13.95 -14.23
N VAL A 221 -15.29 14.00 -12.90
CA VAL A 221 -14.54 12.97 -12.20
C VAL A 221 -15.30 11.64 -12.21
N LYS A 222 -16.64 11.70 -12.25
CA LYS A 222 -17.44 10.49 -12.36
C LYS A 222 -17.23 9.80 -13.70
N ALA A 223 -17.11 10.58 -14.82
CA ALA A 223 -16.84 10.02 -16.14
C ALA A 223 -15.42 9.51 -16.26
N ALA A 224 -14.46 10.18 -15.61
CA ALA A 224 -13.09 9.70 -15.64
C ALA A 224 -12.92 8.40 -14.86
N CYS A 225 -13.58 8.28 -13.71
CA CYS A 225 -13.53 7.04 -12.95
C CYS A 225 -14.30 5.93 -13.64
N TRP A 226 -15.34 6.26 -14.41
CA TRP A 226 -16.00 5.26 -15.20
C TRP A 226 -15.12 4.78 -16.34
N TRP A 227 -14.36 5.68 -16.95
CA TRP A 227 -13.48 5.30 -18.04
C TRP A 227 -12.35 4.41 -17.54
N ALA A 228 -11.67 4.84 -16.47
CA ALA A 228 -10.53 4.08 -15.98
C ALA A 228 -10.94 2.85 -15.18
N GLY A 229 -12.22 2.68 -14.88
CA GLY A 229 -12.66 1.53 -14.12
C GLY A 229 -12.44 1.68 -12.63
N ILE A 230 -12.51 2.89 -12.12
CA ILE A 230 -12.28 3.16 -10.71
C ILE A 230 -13.63 3.24 -10.01
N LYS A 231 -13.68 2.72 -8.80
CA LYS A 231 -14.86 2.82 -7.95
C LYS A 231 -14.71 4.02 -7.02
N GLN A 232 -15.73 4.87 -6.98
CA GLN A 232 -15.72 6.05 -6.11
C GLN A 232 -16.39 5.72 -4.79
N GLU A 233 -15.72 6.02 -3.69
CA GLU A 233 -16.23 5.77 -2.35
C GLU A 233 -16.16 7.07 -1.59
N PHE A 234 -17.24 7.84 -1.59
CA PHE A 234 -17.25 9.09 -0.86
C PHE A 234 -17.45 8.83 0.62
N GLY A 235 -16.79 9.62 1.44
CA GLY A 235 -16.94 9.50 2.88
C GLY A 235 -18.25 10.10 3.34
N ILE A 236 -18.50 9.92 4.63
CA ILE A 236 -19.66 10.57 5.27
C ILE A 236 -19.43 12.07 5.26
N PRO A 237 -20.42 12.89 4.90
CA PRO A 237 -20.20 14.33 4.79
C PRO A 237 -19.86 14.97 6.13
N TYR A 238 -18.94 15.94 6.06
CA TYR A 238 -18.45 16.71 7.21
C TYR A 238 -17.82 15.82 8.27
N ASN A 239 -17.14 14.78 7.82
CA ASN A 239 -16.43 13.84 8.68
C ASN A 239 -15.08 13.62 8.02
N PRO A 240 -14.06 14.40 8.39
CA PRO A 240 -12.76 14.26 7.73
C PRO A 240 -11.98 13.06 8.17
N GLN A 241 -12.38 12.43 9.28
CA GLN A 241 -11.66 11.27 9.80
C GLN A 241 -11.78 10.08 8.88
N SER A 242 -12.85 10.03 8.07
CA SER A 242 -13.00 9.03 7.02
C SER A 242 -11.88 9.11 6.00
N GLN A 243 -11.31 10.29 5.82
CA GLN A 243 -10.16 10.47 4.96
C GLN A 243 -8.88 10.66 5.76
N GLY A 244 -8.81 10.03 6.93
CA GLY A 244 -7.76 10.31 7.89
C GLY A 244 -6.35 10.00 7.43
N VAL A 245 -6.21 9.16 6.42
CA VAL A 245 -4.88 8.95 5.84
C VAL A 245 -4.45 10.18 5.08
N ILE A 246 -5.29 10.63 4.12
CA ILE A 246 -4.84 11.67 3.20
C ILE A 246 -4.71 13.00 3.92
N GLU A 247 -5.60 13.24 4.89
CA GLU A 247 -5.50 14.44 5.70
C GLU A 247 -4.21 14.45 6.49
N SER A 248 -3.82 13.30 7.04
CA SER A 248 -2.54 13.21 7.72
C SER A 248 -1.41 13.44 6.75
N MET A 249 -1.54 12.92 5.53
CA MET A 249 -0.49 13.11 4.55
C MET A 249 -0.44 14.56 4.10
N ASN A 250 -1.59 15.25 4.11
CA ASN A 250 -1.61 16.69 3.87
C ASN A 250 -0.71 17.39 4.85
N LYS A 251 -0.84 17.03 6.13
CA LYS A 251 0.01 17.55 7.20
C LYS A 251 1.47 17.28 6.90
N GLU A 252 1.78 16.03 6.56
CA GLU A 252 3.17 15.66 6.35
C GLU A 252 3.72 16.33 5.11
N LEU A 253 2.88 16.50 4.08
CA LEU A 253 3.35 17.11 2.86
C LEU A 253 3.71 18.56 3.10
N LYS A 254 2.87 19.25 3.89
CA LYS A 254 3.13 20.65 4.15
C LYS A 254 4.37 20.83 4.98
N LYS A 255 4.63 19.86 5.87
CA LYS A 255 5.84 19.89 6.67
C LYS A 255 7.07 19.84 5.79
N ILE A 256 7.05 18.94 4.79
CA ILE A 256 8.22 18.79 3.94
C ILE A 256 8.35 19.99 3.03
N ILE A 257 7.23 20.63 2.68
CA ILE A 257 7.33 21.82 1.84
C ILE A 257 7.98 22.95 2.63
N GLY A 258 7.69 23.01 3.93
CA GLY A 258 8.33 24.00 4.76
C GLY A 258 9.79 23.75 5.00
N GLN A 259 10.30 22.59 4.62
CA GLN A 259 11.72 22.33 4.72
C GLN A 259 12.44 22.55 3.41
N VAL A 260 11.73 22.67 2.29
CA VAL A 260 12.37 22.82 0.99
C VAL A 260 11.91 24.04 0.24
N ARG A 261 11.11 24.91 0.87
CA ARG A 261 10.52 26.05 0.18
C ARG A 261 11.56 27.06 -0.28
N ASP A 262 12.67 27.17 0.45
CA ASP A 262 13.76 28.04 0.04
C ASP A 262 14.67 27.40 -0.99
N GLN A 263 14.48 26.13 -1.31
CA GLN A 263 15.26 25.48 -2.35
C GLN A 263 14.66 25.64 -3.73
N ALA A 264 13.45 26.17 -3.82
CA ALA A 264 12.73 26.29 -5.07
C ALA A 264 12.19 27.70 -5.22
N GLU A 265 12.01 28.13 -6.46
CA GLU A 265 11.48 29.46 -6.71
C GLU A 265 9.97 29.46 -6.82
N HIS A 266 9.38 28.37 -7.29
CA HIS A 266 7.93 28.23 -7.41
C HIS A 266 7.41 27.20 -6.42
N LEU A 267 6.10 27.25 -6.19
CA LEU A 267 5.50 26.32 -5.25
C LEU A 267 5.39 24.92 -5.82
N LYS A 268 5.18 24.79 -7.12
CA LYS A 268 5.02 23.46 -7.71
C LYS A 268 6.32 22.67 -7.68
N THR A 269 7.45 23.36 -7.79
CA THR A 269 8.75 22.71 -7.65
C THR A 269 8.96 22.21 -6.24
N ALA A 270 8.56 23.00 -5.25
CA ALA A 270 8.69 22.56 -3.86
C ALA A 270 7.72 21.44 -3.54
N VAL A 271 6.56 21.41 -4.19
CA VAL A 271 5.61 20.32 -3.98
C VAL A 271 6.15 19.02 -4.54
N GLN A 272 6.74 19.07 -5.74
CA GLN A 272 7.30 17.84 -6.30
C GLN A 272 8.56 17.40 -5.57
N MET A 273 9.33 18.36 -5.05
CA MET A 273 10.48 18.00 -4.22
C MET A 273 10.03 17.34 -2.93
N ALA A 274 8.94 17.80 -2.33
CA ALA A 274 8.42 17.16 -1.13
C ALA A 274 7.84 15.78 -1.43
N VAL A 275 7.25 15.60 -2.61
CA VAL A 275 6.77 14.28 -2.99
C VAL A 275 7.93 13.31 -3.15
N PHE A 276 9.04 13.79 -3.74
CA PHE A 276 10.28 13.02 -3.82
C PHE A 276 10.78 12.62 -2.44
N ILE A 277 10.81 13.59 -1.51
CA ILE A 277 11.37 13.34 -0.19
C ILE A 277 10.49 12.40 0.62
N HIS A 278 9.18 12.51 0.48
CA HIS A 278 8.30 11.60 1.19
C HIS A 278 8.40 10.19 0.63
N ASN A 279 8.41 10.06 -0.70
CA ASN A 279 8.36 8.73 -1.29
C ASN A 279 9.68 8.00 -1.21
N PHE A 280 10.80 8.71 -1.14
CA PHE A 280 12.09 8.04 -1.22
C PHE A 280 13.10 8.43 -0.17
N LYS A 281 12.89 9.49 0.61
CA LYS A 281 13.89 9.93 1.57
C LYS A 281 13.39 9.89 3.00
N ARG A 282 12.25 9.26 3.27
CA ARG A 282 11.75 9.09 4.62
C ARG A 282 11.45 7.62 4.81
N LYS A 283 12.03 7.01 5.84
CA LYS A 283 11.86 5.59 6.08
C LYS A 283 11.30 5.33 7.46
N GLY A 284 10.54 4.25 7.55
CA GLY A 284 9.81 3.91 8.76
C GLY A 284 8.63 3.05 8.38
N GLY A 285 7.68 2.96 9.30
CA GLY A 285 6.49 2.20 8.98
C GLY A 285 6.66 0.70 9.09
N ILE A 286 5.92 -0.06 8.29
CA ILE A 286 5.78 -1.49 8.59
C ILE A 286 6.96 -2.33 8.16
N GLY A 287 7.76 -1.88 7.20
CA GLY A 287 8.87 -2.71 6.78
C GLY A 287 10.20 -2.02 6.96
N GLY A 288 10.19 -0.87 7.62
CA GLY A 288 11.35 0.00 7.60
C GLY A 288 11.60 0.58 6.24
N TYR A 289 10.55 0.71 5.44
CA TYR A 289 10.63 1.08 4.04
C TYR A 289 10.42 2.57 3.88
N SER A 290 10.77 3.08 2.71
CA SER A 290 10.16 4.31 2.27
C SER A 290 8.83 3.98 1.61
N ALA A 291 8.06 5.02 1.30
CA ALA A 291 6.74 4.81 0.73
C ALA A 291 6.80 4.25 -0.67
N GLY A 292 7.85 4.58 -1.44
CA GLY A 292 7.98 4.01 -2.78
C GLY A 292 8.37 2.55 -2.75
N GLU A 293 9.32 2.19 -1.88
CA GLU A 293 9.65 0.78 -1.68
C GLU A 293 8.46 0.01 -1.14
N ARG A 294 7.67 0.65 -0.27
CA ARG A 294 6.52 -0.04 0.29
C ARG A 294 5.41 -0.23 -0.73
N ILE A 295 5.20 0.73 -1.65
CA ILE A 295 4.14 0.52 -2.64
C ILE A 295 4.57 -0.52 -3.66
N VAL A 296 5.87 -0.60 -3.95
CA VAL A 296 6.36 -1.64 -4.85
C VAL A 296 6.21 -3.01 -4.20
N ASP A 297 6.48 -3.10 -2.90
CA ASP A 297 6.31 -4.36 -2.19
C ASP A 297 4.84 -4.76 -2.07
N ILE A 298 3.94 -3.80 -1.79
CA ILE A 298 2.51 -4.06 -1.71
C ILE A 298 1.97 -4.59 -3.04
N ILE A 299 2.33 -3.94 -4.14
CA ILE A 299 1.72 -4.30 -5.41
C ILE A 299 2.34 -5.56 -5.99
N ALA A 300 3.66 -5.75 -5.84
CA ALA A 300 4.29 -6.98 -6.28
C ALA A 300 3.84 -8.16 -5.45
N THR A 301 3.62 -7.94 -4.15
CA THR A 301 3.09 -8.99 -3.29
C THR A 301 1.66 -9.35 -3.67
N ASP A 302 0.86 -8.35 -4.05
CA ASP A 302 -0.51 -8.62 -4.50
C ASP A 302 -0.52 -9.48 -5.76
N ILE A 303 0.35 -9.14 -6.73
CA ILE A 303 0.45 -9.91 -7.96
C ILE A 303 0.94 -11.33 -7.69
N GLN A 304 2.02 -11.45 -6.90
CA GLN A 304 2.64 -12.75 -6.65
C GLN A 304 1.74 -13.65 -5.84
N THR A 305 1.10 -13.14 -4.79
CA THR A 305 0.21 -13.96 -3.98
C THR A 305 -1.06 -14.32 -4.71
N LYS A 306 -1.55 -13.44 -5.58
CA LYS A 306 -2.73 -13.78 -6.38
C LYS A 306 -2.43 -14.93 -7.33
N GLU A 307 -1.28 -14.88 -8.01
CA GLU A 307 -0.97 -15.96 -8.94
C GLU A 307 -0.57 -17.24 -8.20
N LEU A 308 0.06 -17.13 -7.03
CA LEU A 308 0.38 -18.31 -6.24
C LEU A 308 -0.87 -18.99 -5.70
N GLN A 309 -1.85 -18.21 -5.25
CA GLN A 309 -3.10 -18.81 -4.78
C GLN A 309 -3.92 -19.36 -5.93
N LYS A 310 -3.81 -18.77 -7.13
CA LYS A 310 -4.44 -19.36 -8.31
C LYS A 310 -3.80 -20.70 -8.66
N GLN A 311 -2.49 -20.83 -8.47
CA GLN A 311 -1.85 -22.11 -8.72
C GLN A 311 -2.15 -23.14 -7.63
N ILE A 312 -2.33 -22.70 -6.39
CA ILE A 312 -2.62 -23.63 -5.31
C ILE A 312 -4.06 -24.14 -5.40
N THR A 313 -5.00 -23.23 -5.66
CA THR A 313 -6.43 -23.57 -5.70
C THR A 313 -6.75 -24.51 -6.85
N LYS A 314 -6.00 -24.41 -7.95
CA LYS A 314 -6.23 -25.28 -9.10
C LYS A 314 -5.91 -26.73 -8.81
N ILE A 315 -4.89 -26.99 -8.00
CA ILE A 315 -4.48 -28.36 -7.68
C ILE A 315 -5.32 -28.94 -6.55
N GLN A 316 -5.40 -28.25 -5.42
CA GLN A 316 -6.08 -28.76 -4.24
C GLN A 316 -7.59 -28.75 -4.43
N ASN A 317 -8.20 -29.93 -4.42
CA ASN A 317 -9.66 -30.07 -4.44
C ASN A 317 -10.04 -31.16 -3.44
N PHE A 318 -10.29 -30.77 -2.19
CA PHE A 318 -10.60 -31.72 -1.13
C PHE A 318 -11.89 -31.30 -0.44
N ARG A 319 -12.93 -32.11 -0.60
CA ARG A 319 -14.22 -31.85 0.01
C ARG A 319 -14.12 -32.14 1.50
N VAL A 320 -14.53 -31.19 2.34
CA VAL A 320 -14.34 -31.30 3.76
C VAL A 320 -15.69 -31.44 4.44
N TYR A 321 -15.79 -32.36 5.38
CA TYR A 321 -16.97 -32.50 6.23
C TYR A 321 -16.56 -32.20 7.66
N TYR A 322 -16.95 -31.05 8.16
CA TYR A 322 -16.56 -30.60 9.49
C TYR A 322 -17.68 -30.81 10.49
N ARG A 323 -17.28 -31.03 11.74
CA ARG A 323 -18.15 -31.41 12.87
C ARG A 323 -19.03 -32.63 12.57
N LYS A 331 -21.01 -31.56 9.34
CA LYS A 331 -21.87 -30.67 8.58
C LYS A 331 -21.96 -31.12 7.13
N GLY A 332 -21.78 -30.18 6.21
CA GLY A 332 -21.89 -30.44 4.80
C GLY A 332 -20.53 -30.40 4.11
N PRO A 333 -20.51 -30.54 2.79
CA PRO A 333 -19.23 -30.50 2.06
C PRO A 333 -18.72 -29.08 1.88
N ALA A 334 -17.60 -28.76 2.52
CA ALA A 334 -17.00 -27.45 2.37
C ALA A 334 -15.94 -27.46 1.27
N LYS A 335 -15.15 -26.39 1.21
CA LYS A 335 -13.98 -26.33 0.33
C LYS A 335 -12.76 -26.15 1.21
N LEU A 336 -11.73 -26.94 0.98
CA LEU A 336 -10.51 -26.82 1.75
C LEU A 336 -9.74 -25.58 1.32
N LEU A 337 -9.41 -24.72 2.28
CA LEU A 337 -8.54 -23.60 2.02
C LEU A 337 -7.11 -23.87 2.48
N TRP A 338 -6.96 -24.44 3.67
CA TRP A 338 -5.63 -24.66 4.22
C TRP A 338 -5.69 -25.78 5.23
N LYS A 339 -4.60 -26.53 5.37
CA LYS A 339 -4.46 -27.52 6.42
C LYS A 339 -3.04 -27.49 6.97
N GLY A 340 -2.92 -27.23 8.26
CA GLY A 340 -1.67 -27.55 8.91
C GLY A 340 -1.82 -28.12 10.31
N GLU A 341 -1.49 -29.41 10.45
CA GLU A 341 -1.07 -30.14 11.66
C GLU A 341 -1.71 -29.69 12.98
N GLY A 342 -3.03 -29.61 13.02
CA GLY A 342 -3.70 -29.18 14.23
C GLY A 342 -4.87 -28.25 13.98
N ALA A 343 -5.00 -27.78 12.74
CA ALA A 343 -6.09 -26.90 12.36
C ALA A 343 -6.32 -27.04 10.87
N VAL A 344 -7.56 -26.80 10.45
CA VAL A 344 -7.96 -26.88 9.06
C VAL A 344 -8.87 -25.69 8.80
N VAL A 345 -8.52 -24.88 7.80
CA VAL A 345 -9.31 -23.71 7.45
C VAL A 345 -10.10 -24.04 6.19
N ILE A 346 -11.41 -23.83 6.25
CA ILE A 346 -12.34 -24.20 5.20
C ILE A 346 -13.28 -23.05 4.88
N GLN A 347 -14.14 -23.23 3.88
CA GLN A 347 -15.10 -22.22 3.45
C GLN A 347 -16.38 -22.91 3.04
N ASP A 348 -17.38 -22.91 3.92
CA ASP A 348 -18.69 -23.48 3.63
C ASP A 348 -19.71 -22.35 3.56
N ASN A 349 -20.30 -22.18 2.37
CA ASN A 349 -21.33 -21.19 2.07
C ASN A 349 -20.84 -19.76 2.36
N SER A 350 -19.70 -19.44 1.74
CA SER A 350 -19.06 -18.13 1.75
C SER A 350 -18.67 -17.65 3.15
N ASP A 351 -18.41 -18.56 4.08
CA ASP A 351 -17.96 -18.21 5.42
C ASP A 351 -16.69 -18.99 5.71
N ILE A 352 -15.59 -18.29 5.91
CA ILE A 352 -14.28 -18.92 6.08
C ILE A 352 -14.10 -19.22 7.57
N LYS A 353 -14.00 -20.49 7.90
CA LYS A 353 -13.96 -20.96 9.27
C LYS A 353 -12.70 -21.76 9.52
N VAL A 354 -12.33 -21.85 10.80
CA VAL A 354 -11.19 -22.66 11.22
C VAL A 354 -11.68 -23.71 12.20
N VAL A 355 -11.32 -24.96 11.95
CA VAL A 355 -11.69 -26.08 12.82
C VAL A 355 -10.39 -26.72 13.28
N PRO A 356 -10.43 -27.48 14.39
CA PRO A 356 -9.27 -28.31 14.72
C PRO A 356 -9.26 -29.60 13.93
N ARG A 357 -8.35 -30.50 14.23
CA ARG A 357 -8.41 -31.82 13.59
C ARG A 357 -9.50 -32.70 14.18
N ARG A 358 -9.85 -32.49 15.44
CA ARG A 358 -11.14 -32.91 15.94
C ARG A 358 -12.21 -32.07 15.24
N LYS A 359 -13.38 -32.69 15.02
CA LYS A 359 -14.51 -32.15 14.28
C LYS A 359 -14.16 -31.85 12.83
N ALA A 360 -13.22 -32.58 12.25
CA ALA A 360 -12.92 -32.42 10.84
C ALA A 360 -12.65 -33.77 10.16
N LYS A 361 -12.94 -33.83 8.87
CA LYS A 361 -12.50 -34.93 8.02
C LYS A 361 -12.49 -34.44 6.58
N ILE A 362 -11.38 -34.67 5.89
CA ILE A 362 -11.20 -34.17 4.54
C ILE A 362 -11.23 -35.34 3.56
N ILE A 363 -11.67 -35.06 2.34
CA ILE A 363 -11.79 -36.08 1.30
C ILE A 363 -11.10 -35.62 0.03
N PHE B 96 21.94 -25.68 7.62
CA PHE B 96 22.71 -24.91 6.65
C PHE B 96 23.84 -25.72 6.05
N LEU B 97 24.42 -26.61 6.87
CA LEU B 97 25.57 -27.41 6.46
C LEU B 97 25.21 -28.39 5.35
N ASP B 98 23.94 -28.78 5.29
CA ASP B 98 23.43 -29.62 4.22
C ASP B 98 23.35 -28.82 2.92
N GLY B 99 22.96 -27.55 3.03
CA GLY B 99 22.59 -26.80 1.84
C GLY B 99 23.75 -26.20 1.08
N ILE B 100 24.83 -25.87 1.78
CA ILE B 100 25.91 -25.11 1.15
C ILE B 100 26.69 -25.98 0.18
N ASP B 101 27.00 -27.21 0.57
CA ASP B 101 27.70 -28.14 -0.32
C ASP B 101 26.84 -28.52 -1.52
N LYS B 102 25.53 -28.69 -1.31
CA LYS B 102 24.59 -28.94 -2.40
C LYS B 102 24.56 -27.78 -3.39
N ALA B 103 24.50 -26.55 -2.88
CA ALA B 103 24.42 -25.38 -3.77
C ALA B 103 25.73 -25.14 -4.50
N GLN B 104 26.86 -25.36 -3.86
CA GLN B 104 28.12 -25.12 -4.56
C GLN B 104 28.41 -26.21 -5.58
N GLU B 105 28.04 -27.47 -5.30
CA GLU B 105 28.22 -28.51 -6.33
C GLU B 105 27.20 -28.33 -7.45
N GLU B 106 26.03 -27.79 -7.12
CA GLU B 106 25.04 -27.45 -8.14
C GLU B 106 25.53 -26.31 -9.03
N HIS B 107 26.28 -25.37 -8.46
CA HIS B 107 26.88 -24.31 -9.26
C HIS B 107 28.01 -24.85 -10.13
N GLU B 108 28.80 -25.78 -9.60
CA GLU B 108 29.78 -26.52 -10.41
C GLU B 108 29.12 -27.33 -11.52
N LYS B 109 27.88 -27.78 -11.31
CA LYS B 109 27.16 -28.55 -12.32
C LYS B 109 26.65 -27.66 -13.43
N TYR B 110 25.77 -26.68 -13.12
CA TYR B 110 25.20 -25.92 -14.22
C TYR B 110 25.05 -24.42 -13.97
N HIS B 111 25.71 -23.89 -12.93
CA HIS B 111 25.96 -22.45 -12.73
C HIS B 111 24.67 -21.63 -12.64
N SER B 112 23.89 -21.91 -11.61
CA SER B 112 22.74 -21.08 -11.34
C SER B 112 23.16 -19.77 -10.67
N ASN B 113 22.22 -18.86 -10.54
CA ASN B 113 22.46 -17.62 -9.82
C ASN B 113 22.01 -17.76 -8.37
N TRP B 114 22.22 -16.70 -7.59
CA TRP B 114 22.04 -16.83 -6.15
C TRP B 114 20.57 -16.87 -5.76
N ARG B 115 19.68 -16.38 -6.61
CA ARG B 115 18.26 -16.41 -6.26
C ARG B 115 17.72 -17.83 -6.31
N ALA B 116 18.15 -18.61 -7.29
CA ALA B 116 17.78 -20.02 -7.37
C ALA B 116 18.38 -20.82 -6.22
N MET B 117 19.58 -20.46 -5.77
CA MET B 117 20.18 -21.19 -4.66
C MET B 117 19.54 -20.82 -3.34
N ALA B 118 19.16 -19.55 -3.18
CA ALA B 118 18.49 -19.14 -1.96
C ALA B 118 17.05 -19.65 -1.91
N SER B 119 16.47 -19.96 -3.07
CA SER B 119 15.14 -20.56 -3.06
C SER B 119 15.20 -22.07 -2.88
N ASP B 120 16.18 -22.73 -3.50
CA ASP B 120 16.21 -24.20 -3.53
C ASP B 120 16.72 -24.81 -2.24
N PHE B 121 17.79 -24.27 -1.67
CA PHE B 121 18.50 -24.92 -0.59
C PHE B 121 18.35 -24.21 0.75
N ASN B 122 17.40 -23.26 0.84
CA ASN B 122 17.08 -22.51 2.07
C ASN B 122 18.31 -21.77 2.60
N LEU B 123 19.07 -21.22 1.71
CA LEU B 123 20.25 -20.46 2.09
C LEU B 123 19.89 -19.00 2.28
N PRO B 124 20.61 -18.29 3.15
CA PRO B 124 20.56 -16.84 3.12
C PRO B 124 21.19 -16.35 1.82
N PRO B 125 20.72 -15.20 1.30
CA PRO B 125 21.24 -14.73 0.02
C PRO B 125 22.71 -14.32 0.04
N VAL B 126 23.26 -14.00 1.21
CA VAL B 126 24.68 -13.66 1.26
C VAL B 126 25.54 -14.91 1.08
N VAL B 127 25.10 -16.04 1.63
CA VAL B 127 25.83 -17.28 1.48
C VAL B 127 25.79 -17.76 0.03
N ALA B 128 24.63 -17.71 -0.60
CA ALA B 128 24.52 -18.09 -2.01
C ALA B 128 25.23 -17.09 -2.90
N LYS B 129 25.27 -15.81 -2.51
CA LYS B 129 26.00 -14.81 -3.26
C LYS B 129 27.50 -15.07 -3.19
N GLU B 130 27.97 -15.54 -2.04
CA GLU B 130 29.38 -15.91 -1.94
C GLU B 130 29.68 -17.22 -2.65
N ILE B 131 28.68 -18.09 -2.79
CA ILE B 131 28.85 -19.30 -3.58
C ILE B 131 29.01 -18.95 -5.06
N VAL B 132 28.11 -18.11 -5.58
CA VAL B 132 28.15 -17.72 -6.98
C VAL B 132 29.29 -16.74 -7.25
N ALA B 133 29.84 -16.10 -6.22
CA ALA B 133 30.89 -15.11 -6.40
C ALA B 133 32.28 -15.71 -6.32
N SER B 134 32.42 -16.96 -5.89
CA SER B 134 33.72 -17.62 -5.83
C SER B 134 34.04 -18.37 -7.11
N CYS B 135 33.16 -18.34 -8.10
CA CYS B 135 33.43 -18.90 -9.42
C CYS B 135 33.95 -17.79 -10.32
N ASP B 136 35.04 -18.07 -11.03
CA ASP B 136 35.64 -17.07 -11.89
C ASP B 136 34.82 -16.82 -13.15
N LYS B 137 34.17 -17.86 -13.68
CA LYS B 137 33.46 -17.72 -14.95
C LYS B 137 32.01 -17.32 -14.80
N CYS B 138 31.44 -17.41 -13.60
CA CYS B 138 30.05 -17.00 -13.41
C CYS B 138 29.96 -15.49 -13.20
N SER B 152 20.57 -0.70 -15.06
CA SER B 152 19.44 -1.07 -15.92
C SER B 152 18.01 -0.80 -15.36
N PRO B 153 17.68 -1.10 -14.10
CA PRO B 153 16.34 -0.77 -13.62
C PRO B 153 16.14 0.68 -13.20
N GLY B 154 17.08 1.56 -13.50
CA GLY B 154 16.90 2.96 -13.19
C GLY B 154 17.10 3.84 -14.39
N ILE B 155 17.15 3.24 -15.57
CA ILE B 155 17.41 3.97 -16.80
C ILE B 155 16.06 4.34 -17.41
N TRP B 156 15.88 5.61 -17.72
CA TRP B 156 14.70 6.09 -18.41
C TRP B 156 15.15 6.85 -19.64
N GLN B 157 14.34 6.79 -20.69
CA GLN B 157 14.64 7.46 -21.94
C GLN B 157 13.56 8.51 -22.20
N LEU B 158 13.98 9.77 -22.37
CA LEU B 158 13.07 10.87 -22.56
C LEU B 158 13.16 11.42 -23.97
N ASP B 159 12.02 11.83 -24.51
CA ASP B 159 11.98 12.53 -25.79
C ASP B 159 10.74 13.40 -25.82
N CYS B 160 10.68 14.29 -26.79
CA CYS B 160 9.51 15.11 -27.04
C CYS B 160 8.96 14.74 -28.41
N THR B 161 7.72 14.27 -28.44
CA THR B 161 7.03 14.05 -29.71
C THR B 161 6.03 15.18 -29.94
N HIS B 162 5.71 15.41 -31.20
CA HIS B 162 4.85 16.52 -31.59
C HIS B 162 3.59 15.96 -32.22
N LEU B 163 2.44 16.38 -31.70
CA LEU B 163 1.17 15.86 -32.17
C LEU B 163 0.12 16.95 -31.98
N GLU B 164 -0.67 17.19 -33.04
CA GLU B 164 -1.74 18.20 -33.07
C GLU B 164 -1.23 19.60 -32.73
N GLY B 165 0.01 19.91 -33.12
CA GLY B 165 0.59 21.18 -32.78
C GLY B 165 0.97 21.36 -31.33
N LYS B 166 1.00 20.28 -30.55
CA LYS B 166 1.38 20.34 -29.16
C LYS B 166 2.51 19.38 -28.90
N VAL B 167 3.16 19.56 -27.74
CA VAL B 167 4.40 18.86 -27.40
C VAL B 167 4.10 17.88 -26.28
N ILE B 168 4.50 16.63 -26.46
CA ILE B 168 4.29 15.57 -25.48
C ILE B 168 5.65 15.06 -25.05
N LEU B 169 6.00 15.27 -23.78
CA LEU B 169 7.16 14.63 -23.17
C LEU B 169 6.84 13.18 -22.87
N VAL B 170 7.68 12.28 -23.36
CA VAL B 170 7.52 10.84 -23.20
C VAL B 170 8.76 10.30 -22.52
N ALA B 171 8.56 9.60 -21.40
CA ALA B 171 9.65 8.96 -20.67
C ALA B 171 9.34 7.48 -20.57
N VAL B 172 10.25 6.65 -21.07
CA VAL B 172 10.06 5.20 -21.12
C VAL B 172 11.08 4.54 -20.21
N HIS B 173 10.59 3.73 -19.29
CA HIS B 173 11.43 2.79 -18.57
C HIS B 173 11.91 1.75 -19.57
N VAL B 174 13.21 1.69 -19.81
CA VAL B 174 13.76 0.87 -20.88
C VAL B 174 13.61 -0.61 -20.55
N ALA B 175 13.73 -0.96 -19.27
CA ALA B 175 13.65 -2.35 -18.88
C ALA B 175 12.23 -2.90 -18.92
N SER B 176 11.22 -2.04 -18.88
CA SER B 176 9.83 -2.47 -18.78
C SER B 176 8.98 -2.08 -19.97
N GLY B 177 9.26 -0.97 -20.62
CA GLY B 177 8.33 -0.41 -21.57
C GLY B 177 7.26 0.44 -20.93
N TYR B 178 7.35 0.66 -19.62
CA TYR B 178 6.44 1.53 -18.91
C TYR B 178 6.63 2.96 -19.38
N ILE B 179 5.54 3.68 -19.52
CA ILE B 179 5.60 4.97 -20.17
C ILE B 179 4.98 6.02 -19.26
N GLU B 180 5.48 7.24 -19.38
CA GLU B 180 4.93 8.40 -18.71
C GLU B 180 4.95 9.53 -19.71
N ALA B 181 3.79 9.92 -20.21
CA ALA B 181 3.72 10.99 -21.18
C ALA B 181 2.87 12.12 -20.62
N GLU B 182 3.21 13.33 -21.07
CA GLU B 182 2.59 14.53 -20.54
C GLU B 182 2.61 15.59 -21.63
N VAL B 183 1.46 16.18 -21.92
CA VAL B 183 1.43 17.33 -22.81
C VAL B 183 1.95 18.54 -22.04
N ILE B 184 3.02 19.13 -22.52
CA ILE B 184 3.63 20.29 -21.88
C ILE B 184 3.30 21.53 -22.69
N PRO B 185 3.12 22.70 -22.07
CA PRO B 185 2.75 23.90 -22.84
C PRO B 185 3.88 24.46 -23.68
N ALA B 186 5.13 24.14 -23.39
CA ALA B 186 6.26 24.62 -24.17
C ALA B 186 7.39 23.60 -24.07
N GLU B 187 8.17 23.49 -25.14
CA GLU B 187 9.33 22.60 -25.14
C GLU B 187 10.55 23.36 -24.66
N THR B 188 10.52 23.71 -23.38
CA THR B 188 11.57 24.48 -22.73
C THR B 188 12.19 23.68 -21.61
N GLY B 189 13.24 24.25 -21.01
CA GLY B 189 13.94 23.56 -19.95
C GLY B 189 13.18 23.54 -18.64
N GLN B 190 12.32 24.53 -18.43
CA GLN B 190 11.53 24.59 -17.19
C GLN B 190 10.49 23.48 -17.16
N GLU B 191 9.80 23.26 -18.29
CA GLU B 191 8.81 22.19 -18.35
C GLU B 191 9.46 20.82 -18.30
N THR B 192 10.64 20.69 -18.91
CA THR B 192 11.38 19.43 -18.85
C THR B 192 11.85 19.13 -17.43
N ALA B 193 12.32 20.15 -16.72
CA ALA B 193 12.75 19.95 -15.35
C ALA B 193 11.58 19.66 -14.43
N TYR B 194 10.41 20.25 -14.69
CA TYR B 194 9.23 19.93 -13.89
C TYR B 194 8.77 18.51 -14.13
N PHE B 195 8.78 18.06 -15.39
CA PHE B 195 8.43 16.69 -15.72
C PHE B 195 9.42 15.70 -15.10
N LEU B 196 10.71 16.06 -15.09
CA LEU B 196 11.72 15.19 -14.52
C LEU B 196 11.63 15.13 -13.01
N LEU B 197 11.27 16.23 -12.35
CA LEU B 197 11.08 16.21 -10.91
C LEU B 197 9.86 15.40 -10.52
N LYS B 198 8.78 15.48 -11.31
CA LYS B 198 7.61 14.63 -11.08
C LYS B 198 7.95 13.15 -11.26
N LEU B 199 8.68 12.82 -12.33
CA LEU B 199 9.05 11.45 -12.59
C LEU B 199 10.00 10.90 -11.53
N ALA B 200 10.96 11.72 -11.09
CA ALA B 200 11.91 11.28 -10.08
C ALA B 200 11.26 11.12 -8.73
N GLY B 201 10.25 11.91 -8.42
CA GLY B 201 9.51 11.69 -7.20
C GLY B 201 8.54 10.54 -7.28
N ARG B 202 8.19 10.12 -8.49
CA ARG B 202 7.24 9.02 -8.64
C ARG B 202 7.91 7.65 -8.68
N TRP B 203 9.05 7.54 -9.33
CA TRP B 203 9.72 6.27 -9.59
C TRP B 203 11.20 6.43 -9.24
N PRO B 204 11.90 5.32 -9.00
CA PRO B 204 13.35 5.43 -8.75
C PRO B 204 14.17 5.69 -10.01
N VAL B 205 14.32 6.96 -10.36
CA VAL B 205 15.07 7.35 -11.55
C VAL B 205 16.53 7.56 -11.19
N LYS B 206 17.41 6.81 -11.83
CA LYS B 206 18.85 6.92 -11.60
C LYS B 206 19.59 7.53 -12.77
N THR B 207 19.17 7.29 -14.00
CA THR B 207 19.82 7.82 -15.18
C THR B 207 18.75 8.15 -16.20
N VAL B 208 18.91 9.29 -16.86
CA VAL B 208 17.98 9.76 -17.88
C VAL B 208 18.77 9.89 -19.18
N HIS B 209 18.28 9.26 -20.23
CA HIS B 209 18.97 9.21 -21.51
C HIS B 209 18.17 10.00 -22.52
N THR B 210 18.72 11.15 -22.94
CA THR B 210 18.03 12.05 -23.84
C THR B 210 18.73 12.10 -25.19
N ASP B 211 18.19 12.92 -26.09
CA ASP B 211 18.63 12.95 -27.48
C ASP B 211 19.43 14.20 -27.82
N ASN B 212 19.97 14.88 -26.80
CA ASN B 212 20.83 16.06 -26.95
C ASN B 212 20.11 17.20 -27.68
N GLY B 213 18.87 17.42 -27.32
CA GLY B 213 18.10 18.55 -27.79
C GLY B 213 18.46 19.82 -27.05
N SER B 214 17.66 20.86 -27.26
CA SER B 214 17.93 22.14 -26.63
C SER B 214 17.29 22.26 -25.26
N ASN B 215 16.20 21.54 -25.01
CA ASN B 215 15.53 21.61 -23.72
C ASN B 215 16.02 20.56 -22.75
N PHE B 216 16.85 19.61 -23.20
CA PHE B 216 17.41 18.61 -22.31
C PHE B 216 18.82 18.96 -21.84
N THR B 217 19.45 19.96 -22.46
CA THR B 217 20.76 20.43 -22.07
C THR B 217 20.69 21.76 -21.33
N SER B 218 19.54 22.07 -20.73
CA SER B 218 19.38 23.36 -20.07
C SER B 218 20.06 23.35 -18.71
N THR B 219 20.30 24.55 -18.19
CA THR B 219 20.80 24.67 -16.83
C THR B 219 19.72 24.31 -15.82
N THR B 220 18.45 24.49 -16.19
CA THR B 220 17.35 24.15 -15.31
C THR B 220 17.22 22.65 -15.16
N VAL B 221 17.32 21.92 -16.28
CA VAL B 221 17.26 20.46 -16.23
C VAL B 221 18.48 19.90 -15.54
N LYS B 222 19.63 20.54 -15.71
CA LYS B 222 20.84 20.12 -15.02
C LYS B 222 20.72 20.32 -13.52
N ALA B 223 20.09 21.42 -13.09
CA ALA B 223 19.88 21.64 -11.67
C ALA B 223 18.87 20.66 -11.09
N ALA B 224 17.83 20.33 -11.86
CA ALA B 224 16.84 19.36 -11.39
C ALA B 224 17.44 17.97 -11.29
N CYS B 225 18.24 17.57 -12.27
CA CYS B 225 18.89 16.27 -12.23
C CYS B 225 19.97 16.21 -11.16
N TRP B 226 20.59 17.35 -10.85
CA TRP B 226 21.53 17.37 -9.73
C TRP B 226 20.81 17.23 -8.41
N TRP B 227 19.65 17.86 -8.27
CA TRP B 227 18.91 17.80 -7.02
C TRP B 227 18.37 16.40 -6.76
N ALA B 228 17.75 15.80 -7.78
CA ALA B 228 17.20 14.48 -7.58
C ALA B 228 18.24 13.38 -7.64
N GLY B 229 19.47 13.69 -8.03
CA GLY B 229 20.52 12.70 -8.07
C GLY B 229 20.44 11.81 -9.30
N ILE B 230 20.25 12.42 -10.46
CA ILE B 230 20.06 11.71 -11.71
C ILE B 230 21.26 11.95 -12.61
N LYS B 231 21.81 10.88 -13.17
CA LYS B 231 22.81 11.01 -14.21
C LYS B 231 22.13 11.33 -15.53
N GLN B 232 22.80 12.11 -16.35
CA GLN B 232 22.29 12.47 -17.67
C GLN B 232 23.20 11.88 -18.74
N GLU B 233 22.58 11.30 -19.76
CA GLU B 233 23.31 10.77 -20.90
C GLU B 233 22.79 11.45 -22.15
N PHE B 234 23.66 11.61 -23.14
CA PHE B 234 23.28 12.26 -24.39
C PHE B 234 23.77 11.46 -25.58
N GLY B 244 16.62 1.99 -30.43
CA GLY B 244 15.33 1.64 -30.99
C GLY B 244 14.28 1.34 -29.95
N VAL B 245 14.31 2.11 -28.86
CA VAL B 245 13.39 1.92 -27.74
C VAL B 245 12.45 3.10 -27.55
N ILE B 246 12.95 4.33 -27.67
CA ILE B 246 12.11 5.50 -27.37
C ILE B 246 11.20 5.83 -28.56
N GLU B 247 11.69 5.69 -29.79
CA GLU B 247 10.82 6.01 -30.92
C GLU B 247 9.86 4.88 -31.25
N SER B 248 10.22 3.64 -30.90
CA SER B 248 9.27 2.53 -30.97
C SER B 248 8.09 2.75 -30.04
N MET B 249 8.37 3.13 -28.79
CA MET B 249 7.31 3.45 -27.85
C MET B 249 6.58 4.72 -28.24
N ASN B 250 7.26 5.67 -28.88
CA ASN B 250 6.59 6.87 -29.38
C ASN B 250 5.59 6.52 -30.48
N LYS B 251 5.96 5.60 -31.38
CA LYS B 251 5.05 5.19 -32.43
C LYS B 251 3.88 4.38 -31.88
N GLU B 252 4.13 3.54 -30.88
CA GLU B 252 3.05 2.77 -30.27
C GLU B 252 2.10 3.69 -29.48
N LEU B 253 2.65 4.69 -28.81
CA LEU B 253 1.84 5.63 -28.05
C LEU B 253 1.03 6.53 -28.98
N LYS B 254 1.61 6.96 -30.10
CA LYS B 254 0.86 7.75 -31.06
C LYS B 254 -0.22 6.93 -31.74
N LYS B 255 0.00 5.62 -31.89
CA LYS B 255 -1.06 4.73 -32.37
C LYS B 255 -2.22 4.66 -31.40
N ILE B 256 -1.93 4.56 -30.10
CA ILE B 256 -3.02 4.53 -29.11
C ILE B 256 -3.73 5.89 -29.02
N ILE B 257 -2.98 6.99 -29.17
CA ILE B 257 -3.59 8.32 -29.16
C ILE B 257 -4.51 8.49 -30.35
N GLY B 258 -4.09 8.00 -31.52
CA GLY B 258 -4.98 8.00 -32.67
C GLY B 258 -6.18 7.10 -32.52
N GLN B 259 -6.06 6.06 -31.70
CA GLN B 259 -7.22 5.22 -31.40
C GLN B 259 -8.22 5.93 -30.51
N VAL B 260 -7.76 6.53 -29.41
CA VAL B 260 -8.68 7.04 -28.39
C VAL B 260 -8.75 8.56 -28.38
N ARG B 261 -8.39 9.22 -29.48
CA ARG B 261 -8.56 10.66 -29.58
C ARG B 261 -10.03 11.05 -29.61
N ASP B 262 -10.88 10.23 -30.21
CA ASP B 262 -12.29 10.58 -30.34
C ASP B 262 -13.09 10.39 -29.06
N GLN B 263 -12.50 9.79 -28.03
CA GLN B 263 -13.17 9.63 -26.75
C GLN B 263 -12.87 10.76 -25.78
N ALA B 264 -12.12 11.77 -26.21
CA ALA B 264 -11.76 12.88 -25.36
C ALA B 264 -11.89 14.18 -26.14
N GLU B 265 -11.94 15.29 -25.42
CA GLU B 265 -12.05 16.60 -26.03
C GLU B 265 -10.69 17.27 -26.20
N HIS B 266 -9.85 17.22 -25.19
CA HIS B 266 -8.52 17.79 -25.24
C HIS B 266 -7.48 16.71 -25.48
N LEU B 267 -6.29 17.15 -25.90
CA LEU B 267 -5.21 16.21 -26.18
C LEU B 267 -4.55 15.69 -24.92
N LYS B 268 -4.63 16.44 -23.82
CA LYS B 268 -4.10 15.97 -22.54
C LYS B 268 -4.82 14.72 -22.07
N THR B 269 -6.15 14.73 -22.18
CA THR B 269 -6.95 13.59 -21.78
C THR B 269 -6.67 12.39 -22.66
N ALA B 270 -6.47 12.61 -23.96
CA ALA B 270 -6.16 11.51 -24.86
C ALA B 270 -4.79 10.92 -24.59
N VAL B 271 -3.82 11.77 -24.21
CA VAL B 271 -2.49 11.27 -23.89
C VAL B 271 -2.51 10.46 -22.61
N GLN B 272 -3.24 10.93 -21.59
CA GLN B 272 -3.32 10.16 -20.35
C GLN B 272 -4.11 8.87 -20.52
N MET B 273 -5.12 8.89 -21.40
CA MET B 273 -5.86 7.67 -21.71
C MET B 273 -4.99 6.66 -22.44
N ALA B 274 -4.14 7.13 -23.36
CA ALA B 274 -3.23 6.24 -24.04
C ALA B 274 -2.16 5.70 -23.11
N VAL B 275 -1.72 6.50 -22.13
CA VAL B 275 -0.74 6.02 -21.17
C VAL B 275 -1.35 4.96 -20.28
N PHE B 276 -2.61 5.12 -19.91
CA PHE B 276 -3.34 4.08 -19.18
C PHE B 276 -3.44 2.81 -19.99
N ILE B 277 -3.81 2.92 -21.26
CA ILE B 277 -4.01 1.75 -22.12
C ILE B 277 -2.69 1.03 -22.37
N HIS B 278 -1.61 1.79 -22.57
CA HIS B 278 -0.31 1.17 -22.78
C HIS B 278 0.22 0.51 -21.53
N ASN B 279 0.06 1.14 -20.37
CA ASN B 279 0.66 0.60 -19.17
C ASN B 279 -0.14 -0.54 -18.56
N PHE B 280 -1.45 -0.60 -18.80
CA PHE B 280 -2.25 -1.57 -18.09
C PHE B 280 -3.22 -2.37 -18.95
N LYS B 281 -3.49 -1.98 -20.19
CA LYS B 281 -4.45 -2.69 -21.00
C LYS B 281 -3.82 -3.37 -22.21
N ARG B 282 -2.51 -3.26 -22.37
CA ARG B 282 -1.79 -3.96 -23.43
C ARG B 282 -0.87 -4.97 -22.77
N LYS B 283 -0.99 -6.23 -23.16
CA LYS B 283 -0.23 -7.31 -22.56
C LYS B 283 0.54 -8.05 -23.63
N GLY B 284 1.84 -8.16 -23.46
CA GLY B 284 2.68 -8.89 -24.39
C GLY B 284 3.86 -9.53 -23.70
N GLY B 285 4.92 -9.81 -24.44
CA GLY B 285 6.12 -10.34 -23.84
C GLY B 285 6.03 -11.83 -23.58
N ILE B 286 6.74 -12.26 -22.55
CA ILE B 286 6.87 -13.69 -22.27
C ILE B 286 5.63 -14.23 -21.59
N GLY B 287 5.34 -13.76 -20.38
CA GLY B 287 4.21 -14.30 -19.64
C GLY B 287 2.90 -13.60 -19.86
N GLY B 288 2.85 -12.64 -20.78
CA GLY B 288 1.63 -11.90 -21.00
C GLY B 288 1.31 -10.91 -19.90
N TYR B 289 2.30 -10.14 -19.47
CA TYR B 289 2.11 -9.12 -18.45
C TYR B 289 1.99 -7.75 -19.09
N SER B 290 1.49 -6.81 -18.31
CA SER B 290 1.43 -5.42 -18.73
C SER B 290 2.71 -4.72 -18.32
N ALA B 291 2.86 -3.47 -18.76
CA ALA B 291 4.08 -2.74 -18.42
C ALA B 291 4.11 -2.34 -16.95
N GLY B 292 2.95 -2.18 -16.33
CA GLY B 292 2.92 -1.85 -14.91
C GLY B 292 3.33 -3.02 -14.04
N GLU B 293 2.89 -4.23 -14.38
CA GLU B 293 3.34 -5.41 -13.66
C GLU B 293 4.81 -5.65 -13.87
N ARG B 294 5.31 -5.38 -15.08
CA ARG B 294 6.72 -5.57 -15.37
C ARG B 294 7.58 -4.56 -14.63
N ILE B 295 7.12 -3.32 -14.51
CA ILE B 295 7.93 -2.34 -13.79
C ILE B 295 7.88 -2.59 -12.29
N VAL B 296 6.77 -3.10 -11.75
CA VAL B 296 6.81 -3.34 -10.30
C VAL B 296 7.61 -4.60 -9.99
N ASP B 297 7.67 -5.57 -10.91
CA ASP B 297 8.55 -6.71 -10.71
C ASP B 297 10.01 -6.32 -10.80
N ILE B 298 10.36 -5.45 -11.76
CA ILE B 298 11.74 -5.03 -11.94
C ILE B 298 12.20 -4.15 -10.78
N ILE B 299 11.33 -3.26 -10.30
CA ILE B 299 11.72 -2.39 -9.19
C ILE B 299 11.76 -3.17 -7.88
N ALA B 300 10.92 -4.20 -7.72
CA ALA B 300 11.02 -5.05 -6.53
C ALA B 300 12.31 -5.86 -6.54
N THR B 301 12.72 -6.34 -7.72
CA THR B 301 14.00 -7.03 -7.85
C THR B 301 15.16 -6.08 -7.57
N ASP B 302 15.03 -4.82 -7.95
CA ASP B 302 16.08 -3.84 -7.64
C ASP B 302 16.13 -3.51 -6.15
N ILE B 303 14.98 -3.50 -5.48
CA ILE B 303 14.98 -3.27 -4.03
C ILE B 303 15.63 -4.45 -3.31
N GLN B 304 15.38 -5.67 -3.79
CA GLN B 304 16.07 -6.84 -3.25
C GLN B 304 17.58 -6.77 -3.46
N THR B 305 17.99 -6.35 -4.66
CA THR B 305 19.42 -6.24 -4.95
C THR B 305 20.09 -5.17 -4.11
N LYS B 306 19.41 -4.04 -3.89
CA LYS B 306 19.96 -2.97 -3.06
C LYS B 306 20.03 -3.37 -1.60
N GLU B 307 19.03 -4.09 -1.09
CA GLU B 307 19.07 -4.54 0.29
C GLU B 307 20.14 -5.61 0.49
N LEU B 308 20.35 -6.48 -0.50
CA LEU B 308 21.42 -7.46 -0.40
C LEU B 308 22.78 -6.80 -0.44
N GLN B 309 22.97 -5.80 -1.30
CA GLN B 309 24.25 -5.09 -1.34
C GLN B 309 24.47 -4.28 -0.07
N LYS B 310 23.41 -3.76 0.54
CA LYS B 310 23.53 -3.07 1.82
C LYS B 310 23.96 -4.02 2.92
N GLN B 311 23.42 -5.23 2.94
CA GLN B 311 23.80 -6.19 3.98
C GLN B 311 25.20 -6.72 3.77
N ILE B 312 25.60 -6.92 2.51
CA ILE B 312 26.96 -7.35 2.20
C ILE B 312 27.97 -6.26 2.60
N THR B 313 27.67 -5.00 2.28
CA THR B 313 28.50 -3.89 2.72
C THR B 313 28.50 -3.75 4.24
N LYS B 314 27.41 -4.15 4.89
CA LYS B 314 27.36 -4.10 6.34
C LYS B 314 28.25 -5.15 6.99
N ILE B 315 28.44 -6.31 6.37
CA ILE B 315 29.19 -7.37 7.03
C ILE B 315 30.61 -7.54 6.48
N GLN B 316 31.03 -6.75 5.48
CA GLN B 316 32.38 -6.94 4.96
C GLN B 316 33.46 -6.41 5.88
N ASN B 317 33.13 -5.53 6.81
CA ASN B 317 34.14 -5.05 7.75
C ASN B 317 34.17 -5.86 9.03
N PHE B 318 33.66 -7.09 9.03
CA PHE B 318 33.81 -8.00 10.16
C PHE B 318 34.76 -9.12 9.76
N ARG B 319 35.77 -9.36 10.57
CA ARG B 319 36.61 -10.54 10.46
C ARG B 319 36.38 -11.45 11.65
N VAL B 320 36.37 -12.75 11.39
CA VAL B 320 36.09 -13.72 12.43
C VAL B 320 37.30 -14.62 12.64
N TYR B 321 37.41 -15.11 13.87
CA TYR B 321 38.41 -16.08 14.27
C TYR B 321 37.66 -17.28 14.84
N TYR B 322 37.94 -18.47 14.34
CA TYR B 322 37.09 -19.62 14.57
C TYR B 322 37.91 -20.80 15.09
N ARG B 323 37.25 -21.60 15.92
CA ARG B 323 37.79 -22.81 16.56
C ARG B 323 39.07 -22.57 17.36
N TRP B 330 44.08 -20.28 17.91
CA TRP B 330 42.85 -20.46 17.15
C TRP B 330 43.18 -20.68 15.69
N LYS B 331 42.33 -20.18 14.79
CA LYS B 331 42.61 -20.24 13.37
C LYS B 331 42.48 -18.85 12.77
N GLY B 332 42.87 -18.73 11.49
CA GLY B 332 43.13 -17.46 10.87
C GLY B 332 41.87 -16.65 10.63
N PRO B 333 42.05 -15.43 10.12
CA PRO B 333 40.92 -14.53 9.91
C PRO B 333 40.10 -14.96 8.72
N ALA B 334 38.78 -14.94 8.90
CA ALA B 334 37.86 -15.35 7.86
C ALA B 334 36.79 -14.29 7.68
N LYS B 335 36.13 -14.31 6.52
CA LYS B 335 35.08 -13.36 6.24
C LYS B 335 33.77 -13.86 6.83
N LEU B 336 32.99 -12.94 7.36
CA LEU B 336 31.66 -13.29 7.86
C LEU B 336 30.68 -13.29 6.70
N LEU B 337 29.77 -14.27 6.69
CA LEU B 337 28.70 -14.30 5.71
C LEU B 337 27.32 -14.28 6.33
N TRP B 338 27.13 -14.94 7.46
CA TRP B 338 25.84 -14.99 8.11
C TRP B 338 26.04 -15.25 9.59
N LYS B 339 25.30 -14.52 10.42
CA LYS B 339 25.35 -14.67 11.87
C LYS B 339 23.92 -14.90 12.33
N GLY B 340 23.62 -16.13 12.75
CA GLY B 340 22.31 -16.48 13.21
C GLY B 340 22.15 -16.39 14.70
N GLU B 341 21.24 -17.20 15.23
CA GLU B 341 21.04 -17.28 16.67
C GLU B 341 21.85 -18.39 17.32
N GLY B 342 22.32 -19.37 16.55
CA GLY B 342 23.19 -20.39 17.09
C GLY B 342 24.44 -20.63 16.26
N ALA B 343 24.41 -20.24 14.99
CA ALA B 343 25.49 -20.60 14.06
C ALA B 343 26.04 -19.34 13.41
N VAL B 344 27.30 -19.42 12.99
CA VAL B 344 28.00 -18.36 12.31
C VAL B 344 28.63 -18.96 11.06
N VAL B 345 28.23 -18.46 9.89
CA VAL B 345 28.69 -18.98 8.62
C VAL B 345 29.83 -18.09 8.14
N ILE B 346 31.00 -18.69 7.94
CA ILE B 346 32.20 -17.95 7.59
C ILE B 346 32.70 -18.44 6.25
N GLN B 347 33.64 -17.70 5.66
CA GLN B 347 34.34 -18.15 4.47
C GLN B 347 35.84 -17.95 4.71
N ASP B 348 36.60 -19.02 4.59
CA ASP B 348 38.04 -19.01 4.77
C ASP B 348 38.67 -19.82 3.66
N ASN B 349 39.73 -19.26 3.06
CA ASN B 349 40.53 -19.91 2.01
C ASN B 349 39.67 -20.32 0.82
N SER B 350 38.68 -19.48 0.50
CA SER B 350 37.68 -19.69 -0.54
C SER B 350 36.88 -20.98 -0.35
N ASP B 351 36.61 -21.37 0.90
CA ASP B 351 35.62 -22.39 1.19
C ASP B 351 34.79 -21.95 2.39
N ILE B 352 33.50 -22.28 2.34
CA ILE B 352 32.53 -21.77 3.29
C ILE B 352 32.33 -22.80 4.39
N LYS B 353 32.53 -22.38 5.64
CA LYS B 353 32.35 -23.22 6.80
C LYS B 353 31.21 -22.69 7.65
N VAL B 354 30.69 -23.54 8.53
CA VAL B 354 29.70 -23.15 9.52
C VAL B 354 30.23 -23.54 10.89
N VAL B 355 30.50 -22.56 11.73
CA VAL B 355 30.95 -22.83 13.09
C VAL B 355 29.83 -22.43 14.03
N PRO B 356 29.80 -22.98 15.24
CA PRO B 356 28.87 -22.45 16.25
C PRO B 356 29.35 -21.10 16.76
N ARG B 357 28.44 -20.41 17.45
CA ARG B 357 28.68 -19.01 17.81
C ARG B 357 29.77 -18.88 18.87
N ARG B 358 29.80 -19.79 19.84
CA ARG B 358 30.74 -19.65 20.93
C ARG B 358 32.15 -20.05 20.54
N LYS B 359 32.32 -20.75 19.43
CA LYS B 359 33.63 -21.07 18.89
C LYS B 359 34.16 -20.00 17.95
N ALA B 360 33.51 -18.83 17.91
CA ALA B 360 33.84 -17.80 16.96
C ALA B 360 33.91 -16.44 17.65
N LYS B 361 34.89 -15.64 17.25
CA LYS B 361 35.08 -14.28 17.72
C LYS B 361 34.95 -13.37 16.52
N ILE B 362 33.93 -12.53 16.52
CA ILE B 362 33.60 -11.64 15.41
C ILE B 362 34.04 -10.23 15.81
N ILE B 363 35.01 -9.68 15.11
CA ILE B 363 35.51 -8.34 15.41
C ILE B 363 35.46 -7.51 14.14
N ARG B 364 35.71 -6.21 14.29
CA ARG B 364 35.69 -5.29 13.17
C ARG B 364 37.10 -5.04 12.63
N ASP B 365 37.16 -4.61 11.37
CA ASP B 365 38.42 -4.22 10.74
C ASP B 365 38.19 -3.20 9.63
N GLU C 307 5.38 -30.64 -5.95
CA GLU C 307 5.35 -29.44 -6.77
C GLU C 307 4.36 -28.42 -6.22
N LEU C 308 3.48 -28.92 -5.35
CA LEU C 308 2.44 -28.10 -4.73
C LEU C 308 2.96 -27.47 -3.44
N GLN C 309 3.73 -28.23 -2.67
CA GLN C 309 4.18 -27.81 -1.36
C GLN C 309 5.17 -26.65 -1.42
N LYS C 310 5.88 -26.54 -2.55
CA LYS C 310 6.80 -25.42 -2.73
C LYS C 310 6.04 -24.10 -2.84
N GLN C 311 4.89 -24.12 -3.52
CA GLN C 311 4.09 -22.91 -3.63
C GLN C 311 3.40 -22.56 -2.32
N ILE C 312 3.11 -23.56 -1.49
CA ILE C 312 2.54 -23.29 -0.17
C ILE C 312 3.60 -22.67 0.75
N THR C 313 4.83 -23.20 0.71
CA THR C 313 5.90 -22.59 1.49
C THR C 313 6.29 -21.23 0.93
N LYS C 314 6.07 -21.01 -0.37
CA LYS C 314 6.29 -19.69 -0.93
C LYS C 314 5.23 -18.70 -0.47
N ILE C 315 3.98 -19.14 -0.40
CA ILE C 315 2.92 -18.24 0.02
C ILE C 315 2.95 -18.00 1.53
N GLN C 316 3.63 -18.84 2.28
CA GLN C 316 3.79 -18.58 3.71
C GLN C 316 4.99 -17.69 4.00
N ASN C 317 5.77 -17.33 2.98
CA ASN C 317 6.89 -16.43 3.16
C ASN C 317 6.47 -14.97 3.24
N PHE C 318 5.24 -14.68 2.86
CA PHE C 318 4.72 -13.33 2.91
C PHE C 318 4.19 -13.01 4.30
N ARG C 319 4.46 -11.80 4.75
CA ARG C 319 4.08 -11.33 6.06
C ARG C 319 2.87 -10.42 5.96
N VAL C 320 2.04 -10.45 7.00
CA VAL C 320 0.80 -9.70 7.04
C VAL C 320 0.82 -8.82 8.28
N TYR C 321 0.54 -7.53 8.10
CA TYR C 321 0.30 -6.61 9.19
C TYR C 321 -1.19 -6.31 9.19
N TYR C 322 -1.87 -6.70 10.26
CA TYR C 322 -3.32 -6.67 10.29
C TYR C 322 -3.80 -5.85 11.47
N ARG C 323 -5.10 -5.65 11.53
CA ARG C 323 -5.75 -4.94 12.62
C ARG C 323 -7.06 -5.62 12.97
N ASP C 324 -7.43 -5.55 14.23
CA ASP C 324 -8.69 -6.11 14.71
C ASP C 324 -9.77 -5.05 14.60
N SER C 325 -10.92 -5.29 15.22
CA SER C 325 -12.10 -4.47 14.93
C SER C 325 -12.09 -3.15 15.69
N ARG C 326 -11.79 -3.18 17.00
CA ARG C 326 -11.74 -1.94 17.78
C ARG C 326 -10.35 -1.65 18.31
N ASP C 327 -9.34 -2.38 17.87
CA ASP C 327 -7.98 -2.08 18.27
C ASP C 327 -7.35 -1.23 17.18
N PRO C 328 -6.96 0.01 17.44
CA PRO C 328 -6.40 0.86 16.39
C PRO C 328 -4.94 0.59 16.07
N VAL C 329 -4.26 -0.24 16.82
CA VAL C 329 -2.83 -0.45 16.62
C VAL C 329 -2.62 -1.64 15.70
N TRP C 330 -1.57 -1.57 14.88
CA TRP C 330 -1.30 -2.59 13.89
C TRP C 330 -0.59 -3.76 14.55
N LYS C 331 -1.18 -4.95 14.43
CA LYS C 331 -0.55 -6.14 14.95
C LYS C 331 0.61 -6.54 14.04
N GLY C 332 1.56 -7.28 14.62
CA GLY C 332 2.85 -7.49 14.01
C GLY C 332 2.78 -8.44 12.83
N PRO C 333 3.96 -8.75 12.28
CA PRO C 333 3.98 -9.57 11.06
C PRO C 333 3.57 -11.01 11.29
N ALA C 334 2.36 -11.33 10.86
CA ALA C 334 1.87 -12.69 10.89
C ALA C 334 2.35 -13.42 9.65
N LYS C 335 1.95 -14.66 9.52
CA LYS C 335 2.38 -15.53 8.42
C LYS C 335 1.17 -15.77 7.52
N LEU C 336 1.30 -15.43 6.26
CA LEU C 336 0.18 -15.55 5.33
C LEU C 336 -0.08 -17.00 5.00
N LEU C 337 -1.21 -17.54 5.46
CA LEU C 337 -1.53 -18.90 5.08
C LEU C 337 -2.34 -18.94 3.81
N TRP C 338 -3.32 -18.05 3.67
CA TRP C 338 -4.23 -18.11 2.53
C TRP C 338 -4.67 -16.70 2.21
N LYS C 339 -4.88 -16.41 0.93
CA LYS C 339 -5.30 -15.09 0.50
C LYS C 339 -6.50 -15.23 -0.43
N GLY C 340 -7.62 -14.62 -0.05
CA GLY C 340 -8.85 -14.71 -0.81
C GLY C 340 -9.25 -13.38 -1.40
N GLU C 341 -10.43 -13.38 -2.00
CA GLU C 341 -10.96 -12.18 -2.63
C GLU C 341 -11.47 -11.19 -1.60
N GLY C 342 -11.83 -11.67 -0.41
CA GLY C 342 -12.35 -10.78 0.61
C GLY C 342 -11.79 -11.04 2.00
N ALA C 343 -11.01 -12.09 2.16
CA ALA C 343 -10.45 -12.42 3.47
C ALA C 343 -9.07 -12.99 3.31
N VAL C 344 -8.34 -13.01 4.42
CA VAL C 344 -6.94 -13.40 4.47
C VAL C 344 -6.76 -14.26 5.71
N VAL C 345 -6.30 -15.49 5.54
CA VAL C 345 -6.07 -16.39 6.66
C VAL C 345 -4.59 -16.28 7.03
N ILE C 346 -4.34 -15.90 8.28
CA ILE C 346 -3.00 -15.67 8.80
C ILE C 346 -2.76 -16.58 9.99
N GLN C 347 -1.49 -16.64 10.40
CA GLN C 347 -1.08 -17.34 11.61
C GLN C 347 -0.19 -16.41 12.43
N ASP C 348 -0.73 -15.88 13.52
CA ASP C 348 -0.02 -14.97 14.40
C ASP C 348 0.06 -15.59 15.79
N ASN C 349 1.28 -15.77 16.29
CA ASN C 349 1.57 -16.28 17.63
C ASN C 349 0.89 -17.63 17.87
N SER C 350 1.06 -18.54 16.90
CA SER C 350 0.44 -19.86 16.86
C SER C 350 -1.09 -19.80 16.92
N ASP C 351 -1.68 -18.74 16.38
CA ASP C 351 -3.13 -18.59 16.33
C ASP C 351 -3.55 -18.35 14.89
N ILE C 352 -4.46 -19.17 14.38
CA ILE C 352 -4.95 -19.02 13.02
C ILE C 352 -6.11 -18.04 13.04
N LYS C 353 -5.94 -16.90 12.39
CA LYS C 353 -6.95 -15.86 12.33
C LYS C 353 -7.44 -15.68 10.90
N VAL C 354 -8.64 -15.13 10.77
CA VAL C 354 -9.20 -14.73 9.50
C VAL C 354 -9.44 -13.23 9.56
N VAL C 355 -8.68 -12.49 8.77
CA VAL C 355 -8.73 -11.03 8.71
C VAL C 355 -9.54 -10.67 7.48
N PRO C 356 -10.29 -9.57 7.49
CA PRO C 356 -10.81 -9.03 6.22
C PRO C 356 -9.68 -8.54 5.34
N ARG C 357 -9.98 -8.42 4.05
CA ARG C 357 -8.98 -7.94 3.10
C ARG C 357 -8.67 -6.47 3.33
N ARG C 358 -9.65 -5.71 3.79
CA ARG C 358 -9.51 -4.28 4.03
C ARG C 358 -8.80 -3.95 5.32
N LYS C 359 -8.34 -4.94 6.07
CA LYS C 359 -7.71 -4.71 7.35
C LYS C 359 -6.28 -5.23 7.38
N ALA C 360 -5.73 -5.64 6.25
CA ALA C 360 -4.44 -6.30 6.19
C ALA C 360 -3.55 -5.61 5.16
N LYS C 361 -2.26 -5.55 5.47
CA LYS C 361 -1.21 -5.13 4.55
C LYS C 361 -0.24 -6.29 4.40
N ILE C 362 -0.23 -6.92 3.24
CA ILE C 362 0.60 -8.09 2.99
C ILE C 362 1.82 -7.64 2.20
N ILE C 363 3.01 -7.86 2.77
CA ILE C 363 4.26 -7.53 2.12
C ILE C 363 5.19 -8.73 2.20
N ARG C 364 6.09 -8.83 1.24
CA ARG C 364 7.26 -9.69 1.34
C ARG C 364 8.40 -8.76 1.72
N ASP C 365 8.71 -8.67 3.01
CA ASP C 365 9.69 -7.70 3.50
C ASP C 365 11.06 -8.01 2.93
N TYR C 366 11.60 -7.08 2.16
CA TYR C 366 12.85 -7.29 1.43
C TYR C 366 14.09 -7.13 2.31
N GLY C 367 13.93 -7.09 3.63
CA GLY C 367 14.93 -7.54 4.57
C GLY C 367 14.75 -9.01 4.87
N LYS C 368 14.32 -9.77 3.86
CA LYS C 368 14.42 -11.22 3.77
C LYS C 368 15.78 -11.66 3.31
N GLN C 369 16.67 -10.71 3.03
CA GLN C 369 18.04 -10.99 2.66
C GLN C 369 18.92 -11.25 3.87
N MET C 370 18.34 -11.49 5.05
CA MET C 370 19.09 -12.03 6.17
C MET C 370 18.55 -13.40 6.59
N ALA C 371 17.23 -13.59 6.56
CA ALA C 371 16.59 -14.75 7.14
C ALA C 371 15.28 -15.04 6.44
N GLY C 372 14.46 -15.88 7.06
CA GLY C 372 13.19 -16.27 6.49
C GLY C 372 13.33 -17.47 5.59
N ASN D 317 -37.39 -0.95 18.24
CA ASN D 317 -36.23 -1.82 18.31
C ASN D 317 -35.05 -1.09 18.95
N PHE D 318 -34.36 -0.28 18.15
CA PHE D 318 -33.28 0.57 18.63
C PHE D 318 -33.65 2.03 18.38
N ARG D 319 -33.21 2.89 19.30
CA ARG D 319 -33.33 4.34 19.12
C ARG D 319 -31.94 4.90 18.87
N VAL D 320 -31.78 5.74 17.86
CA VAL D 320 -30.48 6.33 17.56
C VAL D 320 -30.60 7.84 17.69
N TYR D 321 -29.73 8.42 18.49
CA TYR D 321 -29.59 9.87 18.62
C TYR D 321 -28.26 10.24 17.98
N TYR D 322 -28.26 11.24 17.12
CA TYR D 322 -27.13 11.43 16.24
C TYR D 322 -26.77 12.89 16.09
N ARG D 323 -25.72 13.13 15.31
CA ARG D 323 -25.12 14.44 15.11
C ARG D 323 -24.83 14.58 13.62
N ASP D 324 -25.65 15.34 12.91
CA ASP D 324 -25.74 15.14 11.47
C ASP D 324 -24.70 15.91 10.66
N SER D 325 -24.80 17.23 10.64
CA SER D 325 -24.13 17.98 9.56
C SER D 325 -23.67 19.33 10.10
N ARG D 326 -22.44 19.36 10.61
CA ARG D 326 -21.79 20.55 11.16
CA ARG D 326 -21.78 20.55 11.16
C ARG D 326 -22.65 21.28 12.19
N ASP D 327 -23.49 20.54 12.89
CA ASP D 327 -24.47 21.10 13.81
C ASP D 327 -24.17 20.46 15.14
N PRO D 328 -23.89 21.23 16.19
CA PRO D 328 -23.70 20.63 17.51
C PRO D 328 -24.98 20.11 18.14
N VAL D 329 -26.14 20.46 17.59
CA VAL D 329 -27.41 20.05 18.15
C VAL D 329 -27.63 18.57 17.84
N TRP D 330 -27.73 17.77 18.89
CA TRP D 330 -28.06 16.37 18.74
C TRP D 330 -29.54 16.23 18.43
N LYS D 331 -29.88 15.19 17.69
CA LYS D 331 -31.24 15.01 17.22
C LYS D 331 -31.57 13.54 17.17
N GLY D 332 -32.87 13.25 17.18
CA GLY D 332 -33.35 11.90 17.27
C GLY D 332 -34.65 11.84 18.03
N PRO D 333 -35.14 10.62 18.31
CA PRO D 333 -34.56 9.33 17.96
C PRO D 333 -34.90 8.88 16.55
N ALA D 334 -34.10 7.97 16.01
CA ALA D 334 -34.29 7.43 14.68
C ALA D 334 -34.19 5.92 14.75
N LYS D 335 -34.71 5.26 13.72
CA LYS D 335 -34.63 3.82 13.62
C LYS D 335 -33.24 3.42 13.11
N LEU D 336 -32.73 2.32 13.63
CA LEU D 336 -31.42 1.82 13.22
C LEU D 336 -31.60 0.85 12.07
N LEU D 337 -31.27 1.30 10.86
CA LEU D 337 -31.36 0.42 9.70
C LEU D 337 -30.17 -0.54 9.62
N TRP D 338 -28.97 -0.06 9.94
CA TRP D 338 -27.79 -0.88 9.77
C TRP D 338 -26.70 -0.41 10.72
N LYS D 339 -26.18 -1.31 11.53
CA LYS D 339 -25.05 -0.98 12.38
C LYS D 339 -23.84 -1.67 11.80
N GLY D 340 -22.83 -0.89 11.44
CA GLY D 340 -21.59 -1.41 10.92
C GLY D 340 -20.45 -1.12 11.88
N GLU D 341 -19.32 -1.74 11.57
CA GLU D 341 -18.07 -1.45 12.24
C GLU D 341 -17.64 -0.05 11.82
N GLY D 342 -17.90 0.96 12.65
CA GLY D 342 -17.44 2.31 12.41
C GLY D 342 -18.52 3.33 12.11
N ALA D 343 -19.62 2.92 11.48
CA ALA D 343 -20.69 3.84 11.15
C ALA D 343 -22.02 3.13 11.19
N VAL D 344 -23.11 3.91 11.21
CA VAL D 344 -24.47 3.40 11.21
C VAL D 344 -25.27 4.09 10.12
N VAL D 345 -26.28 3.38 9.62
CA VAL D 345 -27.26 3.91 8.69
C VAL D 345 -28.58 3.92 9.43
N ILE D 346 -29.20 5.09 9.51
CA ILE D 346 -30.41 5.29 10.29
C ILE D 346 -31.47 5.91 9.40
N GLN D 347 -32.70 5.94 9.92
CA GLN D 347 -33.83 6.55 9.23
C GLN D 347 -34.54 7.49 10.19
N ASP D 348 -34.38 8.79 9.98
CA ASP D 348 -35.04 9.82 10.76
C ASP D 348 -36.01 10.57 9.87
N ASN D 349 -37.30 10.42 10.16
CA ASN D 349 -38.40 11.10 9.47
C ASN D 349 -38.38 10.83 7.97
N SER D 350 -38.22 9.55 7.63
CA SER D 350 -38.08 9.04 6.25
C SER D 350 -36.88 9.65 5.53
N ASP D 351 -35.86 10.05 6.27
CA ASP D 351 -34.58 10.48 5.72
C ASP D 351 -33.51 9.50 6.16
N ILE D 352 -32.91 8.81 5.21
CA ILE D 352 -31.88 7.82 5.52
C ILE D 352 -30.54 8.53 5.57
N LYS D 353 -29.87 8.44 6.72
CA LYS D 353 -28.61 9.13 6.96
C LYS D 353 -27.55 8.14 7.39
N VAL D 354 -26.31 8.42 7.03
CA VAL D 354 -25.17 7.63 7.47
C VAL D 354 -24.38 8.48 8.44
N VAL D 355 -24.28 8.03 9.68
CA VAL D 355 -23.64 8.76 10.76
C VAL D 355 -22.43 7.95 11.21
N PRO D 356 -21.31 8.58 11.54
CA PRO D 356 -20.26 7.84 12.25
C PRO D 356 -20.74 7.43 13.62
N ARG D 357 -20.18 6.35 14.14
CA ARG D 357 -20.58 5.90 15.45
C ARG D 357 -20.01 6.76 16.58
N ARG D 358 -19.06 7.63 16.29
CA ARG D 358 -18.68 8.65 17.27
C ARG D 358 -19.76 9.70 17.42
N LYS D 359 -20.53 9.92 16.37
CA LYS D 359 -21.56 10.93 16.37
C LYS D 359 -22.95 10.31 16.51
N ALA D 360 -23.03 9.14 17.10
CA ALA D 360 -24.29 8.44 17.27
C ALA D 360 -24.29 7.69 18.58
N LYS D 361 -25.45 7.64 19.22
CA LYS D 361 -25.69 6.87 20.41
C LYS D 361 -26.90 5.97 20.14
N ILE D 362 -26.73 4.68 20.37
CA ILE D 362 -27.78 3.70 20.09
C ILE D 362 -28.27 3.13 21.42
N ILE D 363 -29.58 3.10 21.60
CA ILE D 363 -30.21 2.59 22.79
C ILE D 363 -31.14 1.44 22.45
MG MG G . -11.11 18.21 1.31
MG MG H . -8.47 17.86 4.03
ZN ZN I . -32.80 14.18 30.78
CAA OZ1 J . -10.35 16.70 11.69
CAB OZ1 J . -10.18 17.87 10.99
CAC OZ1 J . -9.42 17.86 9.83
CAD OZ1 J . -8.84 16.69 9.41
CAE OZ1 J . -9.01 15.51 10.10
CAF OZ1 J . -9.77 15.54 11.25
CAI OZ1 J . -9.22 19.02 9.13
CAK OZ1 J . -10.95 19.41 7.46
CAM OZ1 J . -11.32 19.32 6.12
CAN OZ1 J . -12.56 19.79 5.75
CAO OZ1 J . -12.99 19.72 4.46
CAP OZ1 J . -14.23 20.20 4.10
CAQ OZ1 J . -14.62 20.10 2.78
CAR OZ1 J . -13.76 19.56 1.85
CAT OZ1 J . -12.14 19.17 3.51
CAV OZ1 J . -10.51 18.78 5.14
CAY OZ1 J . -15.86 20.59 2.39
CAZ OZ1 J . -16.87 19.47 2.28
CBA OZ1 J . -17.82 19.84 1.15
CBB OZ1 J . -19.24 19.94 1.67
CBC OZ1 J . -19.85 18.55 1.76
CBD OZ1 J . -21.33 18.62 1.40
FAG OZ1 J . -9.93 14.59 11.82
FAH OZ1 J . -8.20 16.70 8.45
NAJ OZ1 J . -9.74 18.95 7.76
NAS OZ1 J . -12.51 19.08 2.24
NAU OZ1 J . -10.95 18.72 3.87
NBF OZ1 J . -13.36 20.31 6.67
OAL OZ1 J . -11.72 19.88 8.28
OAW OZ1 J . -9.40 18.34 5.39
OAX OZ1 J . -10.19 18.22 2.97
OBE OZ1 J . -21.87 17.30 1.43
ZN ZN K . 30.44 -21.10 -11.29
#